data_6XRN
#
_entry.id   6XRN
#
_cell.length_a   144.205
_cell.length_b   68.173
_cell.length_c   106.800
_cell.angle_alpha   90.000
_cell.angle_beta   95.260
_cell.angle_gamma   90.000
#
_symmetry.space_group_name_H-M   'C 1 2 1'
#
loop_
_entity.id
_entity.type
_entity.pdbx_description
1 polymer 'Phosphatidylinositol 4,5-bisphosphate 3-kinase catalytic subunit gamma isoform'
2 non-polymer 2-amino-5-{2-[(1S)-1-cyclopropylethyl]-7-methyl-1-oxo-2,3-dihydro-1H-isoindol-5-yl}-N-(trans-3-hydroxycyclobutyl)pyrazolo[1,5-a]pyrimidine-3-carboxamide
#
_entity_poly.entity_id   1
_entity_poly.type   'polypeptide(L)'
_entity_poly.pdbx_seq_one_letter_code
;MSEESQAFQRQLTALIGYDVTDVSNVHDDELEFTRRGLVTPRMAEVASRDPKLYAMHPWVTSKPLPEYLWKKIANNCIFI
VIHRSTTSQTIKVSPDDTPGAILQSFFTKMAKKKSLMDIPESQSEQDFVLRVCGRDEYLVGETPIKNFQWVRHCLKNGEE
IHVVLDTPPDPALDEVRKEEWPLVDDCTGVTGYHEQLTIHGKDHESVFTVSLWDCDRKFRVKIRGIDIPVLPRNTDLTVF
VEANIQHGQQVLCQRRTSPKPFTEEVLWNVWLEFSIKIKDLPKGALLNLQIYCGKAPALSSKASAESPSSESKGKVQLLY
YVNLLLIDHRFLLRRGEYVLHMWQISGKGEDQGSFNADKLTSATNPDKENSMSISILLDNYCHPIALPKHQPTPDPEGDR
VRAEMPNQLRKQLEAIIATDPLNPLTAEDKELLWHFRYESLKHPKAYPKLFSSVKWGQQEIVAKTYQLLARREVWDQSAL
DVGLTMQLLDCNFSDENVRAIAVQKLESLEDDDVLHYLLQLVQAVKFEPYHDSALARFLLKRGLRNKRIGHFLFWFLRSE
IAQSRHYQQRFAVILEAYLRGCGTAMLHDFTQQVQVIEMLQKVTLDIKSLSAEKYDVSSQVISQLKQKLENLQNSQLPES
FRVPYDPGLKAGALAIEKCKVMASKKKPLWLEFKCADPTALSNETIGIIFKHGDDLRQDMLILQILRIMESIWETESLDL
CLLPYGCISTGDKIGMIEIVKDATTIAKIQQSTVGNTGAFKDEVLNHWLKEKSPTEEKFQAAVERFVYSCAGYCVATFVL
GIGDRHNDNIMITETGNLFHIDFGHILGNYKSFLGINKERVPFVLTPDFLFVMGTSGKKTSPHFQKFQDICVKAYLALRH
HTNLLIILFSMMLMTGMPQLTSKEDIEYIRDALTVGKNEEDAKKYFLDQIEVCRDKGWTVQFNWFLHLV
;
_entity_poly.pdbx_strand_id   A
#
loop_
_chem_comp.id
_chem_comp.type
_chem_comp.name
_chem_comp.formula
V84 non-polymer 2-amino-5-{2-[(1S)-1-cyclopropylethyl]-7-methyl-1-oxo-2,3-dihydro-1H-isoindol-5-yl}-N-(trans-3-hydroxycyclobutyl)pyrazolo[1,5-a]pyrimidine-3-carboxamide 'C25 H28 N6 O3'
#
# COMPACT_ATOMS: atom_id res chain seq x y z
N SER A 2 -35.95 -8.92 -8.55
CA SER A 2 -36.86 -7.76 -8.32
C SER A 2 -37.00 -7.42 -6.83
N GLU A 3 -37.47 -8.40 -6.05
CA GLU A 3 -37.67 -8.23 -4.60
C GLU A 3 -36.41 -8.57 -3.80
N GLU A 4 -35.75 -9.66 -4.19
CA GLU A 4 -34.51 -10.12 -3.53
C GLU A 4 -33.32 -9.17 -3.71
N SER A 5 -33.30 -8.43 -4.81
CA SER A 5 -32.27 -7.41 -5.08
C SER A 5 -32.32 -6.19 -4.15
N GLN A 6 -33.49 -5.92 -3.58
CA GLN A 6 -33.72 -4.74 -2.73
C GLN A 6 -32.82 -4.76 -1.49
N ALA A 7 -32.90 -5.87 -0.76
CA ALA A 7 -32.10 -6.07 0.45
C ALA A 7 -30.61 -6.30 0.16
N PHE A 8 -30.30 -6.92 -0.98
CA PHE A 8 -28.92 -7.28 -1.31
C PHE A 8 -28.08 -6.08 -1.74
N GLN A 9 -28.65 -5.16 -2.52
CA GLN A 9 -27.98 -3.90 -2.86
C GLN A 9 -27.86 -3.03 -1.61
N ARG A 10 -28.93 -2.99 -0.80
CA ARG A 10 -28.90 -2.38 0.55
C ARG A 10 -27.74 -2.90 1.40
N GLN A 11 -27.52 -4.21 1.34
CA GLN A 11 -26.42 -4.89 2.04
C GLN A 11 -25.06 -4.45 1.52
N LEU A 12 -24.89 -4.50 0.20
CA LEU A 12 -23.63 -4.13 -0.44
C LEU A 12 -23.18 -2.70 -0.11
N THR A 13 -24.13 -1.76 -0.14
CA THR A 13 -23.90 -0.37 0.27
C THR A 13 -23.25 -0.25 1.65
N ALA A 14 -23.73 -1.05 2.61
CA ALA A 14 -23.24 -1.00 4.00
C ALA A 14 -21.79 -1.46 4.12
N LEU A 15 -21.45 -2.53 3.43
CA LEU A 15 -20.07 -3.03 3.36
C LEU A 15 -19.14 -2.04 2.66
N ILE A 16 -19.64 -1.38 1.63
CA ILE A 16 -18.89 -0.38 0.86
C ILE A 16 -18.73 0.94 1.64
N GLY A 17 -19.78 1.36 2.32
CA GLY A 17 -19.87 2.71 2.88
C GLY A 17 -20.13 3.76 1.81
N TYR A 18 -20.77 3.34 0.71
CA TYR A 18 -21.15 4.24 -0.39
C TYR A 18 -22.20 3.59 -1.30
N ASP A 19 -23.22 4.36 -1.67
CA ASP A 19 -24.27 3.87 -2.58
C ASP A 19 -23.83 4.07 -4.04
N VAL A 20 -23.44 2.97 -4.70
CA VAL A 20 -23.01 2.99 -6.10
C VAL A 20 -24.13 3.21 -7.13
N THR A 21 -25.40 3.08 -6.70
CA THR A 21 -26.56 3.44 -7.53
C THR A 21 -26.96 4.94 -7.44
N ASP A 22 -26.26 5.71 -6.61
CA ASP A 22 -26.52 7.15 -6.45
C ASP A 22 -26.07 7.94 -7.68
N VAL A 23 -26.87 8.94 -8.05
CA VAL A 23 -26.66 9.77 -9.26
C VAL A 23 -26.66 11.27 -8.91
N SER A 24 -26.39 11.59 -7.64
CA SER A 24 -26.44 12.97 -7.16
C SER A 24 -25.20 13.80 -7.54
N ASN A 25 -24.07 13.13 -7.77
CA ASN A 25 -22.79 13.81 -8.09
C ASN A 25 -22.16 13.25 -9.37
N VAL A 26 -22.86 13.40 -10.49
CA VAL A 26 -22.36 13.01 -11.82
C VAL A 26 -22.88 13.96 -12.91
N HIS A 27 -22.25 13.88 -14.08
CA HIS A 27 -22.75 14.55 -15.30
C HIS A 27 -22.68 13.66 -16.55
N ASP A 28 -22.53 12.34 -16.36
CA ASP A 28 -22.55 11.35 -17.45
C ASP A 28 -22.64 9.94 -16.86
N ASP A 29 -22.72 8.91 -17.72
CA ASP A 29 -22.93 7.52 -17.28
C ASP A 29 -21.66 6.65 -17.26
N GLU A 30 -20.51 7.23 -16.91
CA GLU A 30 -19.27 6.45 -16.88
C GLU A 30 -19.31 5.40 -15.78
N LEU A 31 -19.61 5.82 -14.55
CA LEU A 31 -19.65 4.91 -13.38
C LEU A 31 -20.63 3.74 -13.58
N GLU A 32 -21.80 4.03 -14.17
CA GLU A 32 -22.81 2.99 -14.45
C GLU A 32 -22.37 2.05 -15.57
N PHE A 33 -21.77 2.61 -16.62
CA PHE A 33 -21.16 1.80 -17.69
C PHE A 33 -20.00 0.97 -17.16
N THR A 34 -19.25 1.53 -16.20
CA THR A 34 -18.15 0.82 -15.54
C THR A 34 -18.65 -0.36 -14.69
N ARG A 35 -19.77 -0.18 -13.99
CA ARG A 35 -20.39 -1.29 -13.26
C ARG A 35 -20.76 -2.39 -14.25
N ARG A 36 -21.56 -2.03 -15.25
CA ARG A 36 -22.00 -2.96 -16.29
C ARG A 36 -20.86 -3.61 -17.06
N GLY A 37 -19.75 -2.88 -17.21
CA GLY A 37 -18.55 -3.40 -17.87
C GLY A 37 -17.83 -4.49 -17.08
N LEU A 38 -17.72 -4.28 -15.77
CA LEU A 38 -16.97 -5.21 -14.90
C LEU A 38 -17.65 -6.55 -14.61
N VAL A 39 -18.93 -6.69 -14.97
CA VAL A 39 -19.67 -7.96 -14.86
C VAL A 39 -18.95 -9.10 -15.59
N THR A 40 -18.44 -8.79 -16.78
CA THR A 40 -17.77 -9.77 -17.63
C THR A 40 -16.53 -10.40 -16.96
N PRO A 41 -15.53 -9.59 -16.57
CA PRO A 41 -14.35 -10.18 -15.92
C PRO A 41 -14.64 -10.87 -14.58
N ARG A 42 -15.66 -10.40 -13.86
CA ARG A 42 -16.13 -11.07 -12.65
C ARG A 42 -16.59 -12.49 -12.94
N MET A 43 -17.63 -12.60 -13.75
CA MET A 43 -18.27 -13.89 -14.02
C MET A 43 -17.33 -14.90 -14.68
N ALA A 44 -16.35 -14.42 -15.44
CA ALA A 44 -15.31 -15.28 -16.01
C ALA A 44 -14.43 -15.87 -14.93
N GLU A 45 -13.94 -15.00 -14.04
CA GLU A 45 -13.06 -15.42 -12.96
C GLU A 45 -13.77 -16.27 -11.91
N VAL A 46 -15.05 -15.99 -11.65
CA VAL A 46 -15.86 -16.84 -10.78
C VAL A 46 -16.05 -18.22 -11.42
N ALA A 47 -16.31 -18.24 -12.72
CA ALA A 47 -16.45 -19.49 -13.48
C ALA A 47 -15.14 -20.28 -13.53
N SER A 48 -14.03 -19.59 -13.74
CA SER A 48 -12.73 -20.25 -13.94
C SER A 48 -12.06 -20.78 -12.67
N ARG A 49 -12.36 -20.17 -11.51
CA ARG A 49 -11.63 -20.48 -10.27
C ARG A 49 -11.97 -21.85 -9.73
N ASP A 50 -10.96 -22.56 -9.21
CA ASP A 50 -11.15 -23.90 -8.67
C ASP A 50 -11.82 -23.80 -7.30
N PRO A 51 -13.05 -24.34 -7.17
CA PRO A 51 -13.85 -24.12 -5.94
C PRO A 51 -13.22 -24.70 -4.67
N LYS A 52 -12.58 -25.87 -4.78
CA LYS A 52 -11.85 -26.49 -3.65
C LYS A 52 -10.72 -25.59 -3.15
N LEU A 53 -9.77 -25.27 -4.03
CA LEU A 53 -8.63 -24.41 -3.67
C LEU A 53 -9.00 -22.97 -3.32
N TYR A 54 -10.13 -22.47 -3.84
CA TYR A 54 -10.63 -21.15 -3.45
C TYR A 54 -11.02 -21.10 -1.97
N ALA A 55 -11.67 -22.15 -1.48
CA ALA A 55 -12.04 -22.27 -0.07
C ALA A 55 -10.81 -22.47 0.83
N MET A 56 -9.83 -23.23 0.34
CA MET A 56 -8.62 -23.55 1.11
C MET A 56 -7.63 -22.38 1.12
N HIS A 57 -7.58 -21.63 0.01
CA HIS A 57 -6.66 -20.50 -0.18
C HIS A 57 -5.23 -20.75 0.36
N PRO A 58 -4.60 -21.85 -0.07
CA PRO A 58 -3.27 -22.20 0.48
C PRO A 58 -2.23 -21.14 0.13
N TRP A 59 -1.66 -20.52 1.15
CA TRP A 59 -0.76 -19.38 0.99
C TRP A 59 0.65 -19.89 0.63
N VAL A 60 0.98 -19.81 -0.66
CA VAL A 60 2.17 -20.46 -1.23
C VAL A 60 3.08 -19.50 -1.99
N THR A 61 4.36 -19.86 -2.06
CA THR A 61 5.38 -19.12 -2.83
C THR A 61 6.30 -20.10 -3.58
N SER A 62 6.74 -19.69 -4.77
CA SER A 62 7.67 -20.49 -5.58
C SER A 62 9.13 -20.03 -5.44
N LYS A 63 9.36 -19.00 -4.62
CA LYS A 63 10.70 -18.45 -4.42
C LYS A 63 11.63 -19.46 -3.74
N PRO A 64 12.95 -19.28 -3.88
CA PRO A 64 13.87 -20.12 -3.10
C PRO A 64 13.74 -19.84 -1.61
N LEU A 65 13.73 -20.89 -0.80
CA LEU A 65 13.82 -20.76 0.65
C LEU A 65 15.23 -20.25 0.95
N PRO A 66 15.35 -19.11 1.67
CA PRO A 66 16.66 -18.45 1.78
C PRO A 66 17.74 -19.24 2.53
N GLU A 67 18.98 -18.79 2.37
CA GLU A 67 20.15 -19.47 2.97
C GLU A 67 20.14 -19.45 4.51
N TYR A 68 19.48 -18.47 5.12
CA TYR A 68 19.35 -18.41 6.58
C TYR A 68 18.38 -19.43 7.18
N LEU A 69 17.28 -19.73 6.49
CA LEU A 69 16.33 -20.78 6.93
C LEU A 69 16.78 -22.21 6.64
N TRP A 70 17.69 -22.39 5.67
CA TRP A 70 18.32 -23.70 5.41
C TRP A 70 19.19 -24.17 6.58
N LYS A 71 19.86 -23.24 7.25
CA LYS A 71 20.64 -23.54 8.47
C LYS A 71 19.78 -24.01 9.65
N LYS A 72 18.54 -23.48 9.74
CA LYS A 72 17.57 -23.93 10.74
C LYS A 72 17.10 -25.38 10.52
N ILE A 73 17.15 -25.85 9.27
CA ILE A 73 16.84 -27.23 8.92
C ILE A 73 18.08 -28.10 9.20
N ALA A 74 17.86 -29.22 9.88
CA ALA A 74 18.95 -30.06 10.41
C ALA A 74 19.63 -30.93 9.37
N ASN A 75 18.94 -31.99 8.92
CA ASN A 75 19.50 -32.98 7.99
C ASN A 75 18.44 -33.41 6.97
N ASN A 76 17.95 -32.43 6.21
CA ASN A 76 16.86 -32.60 5.24
C ASN A 76 15.62 -33.19 5.92
N CYS A 77 15.22 -32.54 7.01
CA CYS A 77 14.17 -33.03 7.89
C CYS A 77 13.37 -31.89 8.52
N ILE A 78 12.05 -32.04 8.52
CA ILE A 78 11.11 -31.05 9.07
C ILE A 78 10.14 -31.81 9.98
N PHE A 79 10.09 -31.42 11.26
CA PHE A 79 9.16 -32.01 12.23
C PHE A 79 7.81 -31.34 12.11
N ILE A 80 6.75 -32.15 11.91
CA ILE A 80 5.36 -31.67 11.80
C ILE A 80 4.48 -32.51 12.72
N VAL A 81 3.61 -31.84 13.48
CA VAL A 81 2.83 -32.49 14.53
C VAL A 81 1.34 -32.50 14.16
N ILE A 82 0.85 -33.65 13.70
CA ILE A 82 -0.57 -33.84 13.37
C ILE A 82 -1.32 -34.16 14.67
N HIS A 83 -2.51 -33.55 14.82
CA HIS A 83 -3.35 -33.70 16.02
C HIS A 83 -4.70 -34.34 15.71
N ARG A 84 -5.16 -35.19 16.64
CA ARG A 84 -6.56 -35.64 16.69
C ARG A 84 -7.31 -34.71 17.67
N SER A 85 -8.52 -35.09 18.09
CA SER A 85 -9.26 -34.36 19.12
C SER A 85 -8.53 -34.31 20.47
N THR A 86 -7.73 -35.34 20.78
CA THR A 86 -6.92 -35.38 22.01
C THR A 86 -5.44 -35.69 21.72
N THR A 87 -5.16 -36.86 21.15
CA THR A 87 -3.79 -37.32 20.90
C THR A 87 -3.14 -36.63 19.69
N SER A 88 -1.83 -36.81 19.55
CA SER A 88 -1.06 -36.21 18.45
C SER A 88 0.28 -36.92 18.24
N GLN A 89 0.73 -36.99 16.99
CA GLN A 89 2.02 -37.61 16.63
C GLN A 89 2.90 -36.69 15.78
N THR A 90 4.20 -36.76 16.03
CA THR A 90 5.21 -35.96 15.31
C THR A 90 5.77 -36.77 14.14
N ILE A 91 5.70 -36.19 12.94
CA ILE A 91 6.19 -36.84 11.71
C ILE A 91 7.48 -36.17 11.23
N LYS A 92 8.46 -36.98 10.83
CA LYS A 92 9.66 -36.52 10.15
C LYS A 92 9.33 -36.39 8.66
N VAL A 93 9.49 -35.19 8.12
CA VAL A 93 9.13 -34.87 6.73
C VAL A 93 10.32 -34.23 6.05
N SER A 94 10.49 -34.48 4.75
CA SER A 94 11.51 -33.80 3.96
C SER A 94 10.85 -32.59 3.27
N PRO A 95 11.53 -31.42 3.26
CA PRO A 95 11.04 -30.17 2.65
C PRO A 95 10.35 -30.29 1.30
N ASP A 96 10.77 -31.25 0.48
CA ASP A 96 10.18 -31.49 -0.84
C ASP A 96 8.79 -32.14 -0.83
N ASP A 97 8.37 -32.70 0.30
CA ASP A 97 7.08 -33.41 0.38
C ASP A 97 5.86 -32.49 0.23
N THR A 98 4.90 -32.93 -0.57
CA THR A 98 3.63 -32.23 -0.74
C THR A 98 2.65 -32.64 0.36
N PRO A 99 1.54 -31.88 0.53
CA PRO A 99 0.41 -32.29 1.37
C PRO A 99 -0.09 -33.72 1.12
N GLY A 100 -0.10 -34.15 -0.14
CA GLY A 100 -0.48 -35.52 -0.51
C GLY A 100 0.46 -36.58 0.02
N ALA A 101 1.75 -36.40 -0.26
CA ALA A 101 2.81 -37.32 0.21
C ALA A 101 2.91 -37.38 1.74
N ILE A 102 2.65 -36.26 2.41
CA ILE A 102 2.60 -36.21 3.88
C ILE A 102 1.37 -36.98 4.39
N LEU A 103 0.23 -36.85 3.71
CA LEU A 103 -0.98 -37.62 4.06
C LEU A 103 -0.86 -39.13 3.84
N GLN A 104 0.00 -39.57 2.92
CA GLN A 104 0.29 -41.00 2.73
C GLN A 104 0.99 -41.58 3.96
N SER A 105 1.88 -40.81 4.56
CA SER A 105 2.63 -41.22 5.76
C SER A 105 1.75 -41.43 7.00
N PHE A 106 0.71 -40.61 7.16
CA PHE A 106 -0.19 -40.70 8.32
C PHE A 106 -1.08 -41.95 8.27
N PHE A 107 -1.81 -42.11 7.16
CA PHE A 107 -2.72 -43.26 6.95
C PHE A 107 -2.02 -44.62 7.09
N THR A 108 -0.77 -44.69 6.66
CA THR A 108 0.06 -45.90 6.78
C THR A 108 0.45 -46.19 8.24
N LYS A 109 0.76 -45.15 9.02
CA LYS A 109 1.23 -45.30 10.40
C LYS A 109 0.16 -45.81 11.38
N MET A 110 -1.06 -45.29 11.28
CA MET A 110 -2.12 -45.62 12.24
C MET A 110 -2.78 -46.96 11.88
N GLU A 125 -10.30 -43.22 3.99
CA GLU A 125 -10.40 -42.50 2.72
C GLU A 125 -9.77 -41.12 2.83
N GLN A 126 -9.12 -40.67 1.76
CA GLN A 126 -8.44 -39.37 1.73
C GLN A 126 -9.44 -38.22 1.56
N ASP A 127 -10.26 -38.02 2.60
CA ASP A 127 -11.26 -36.96 2.66
C ASP A 127 -10.88 -36.05 3.83
N PHE A 128 -9.63 -35.60 3.81
CA PHE A 128 -9.04 -34.81 4.88
C PHE A 128 -8.11 -33.75 4.30
N VAL A 129 -7.73 -32.80 5.15
CA VAL A 129 -6.77 -31.77 4.78
C VAL A 129 -6.06 -31.25 6.03
N LEU A 130 -4.77 -30.97 5.88
CA LEU A 130 -3.93 -30.56 7.01
C LEU A 130 -4.10 -29.06 7.32
N ARG A 131 -5.13 -28.75 8.12
CA ARG A 131 -5.40 -27.38 8.58
C ARG A 131 -4.51 -27.02 9.76
N VAL A 132 -4.07 -25.76 9.82
CA VAL A 132 -3.18 -25.28 10.89
C VAL A 132 -4.00 -25.02 12.16
N CYS A 133 -3.39 -25.31 13.31
CA CYS A 133 -4.04 -25.13 14.61
C CYS A 133 -4.17 -23.64 14.94
N GLY A 134 -5.38 -23.23 15.34
CA GLY A 134 -5.66 -21.85 15.72
C GLY A 134 -6.11 -20.92 14.61
N ARG A 135 -5.78 -21.25 13.36
CA ARG A 135 -5.97 -20.37 12.21
C ARG A 135 -6.74 -21.06 11.10
N ASP A 136 -7.57 -20.29 10.39
CA ASP A 136 -8.23 -20.77 9.19
C ASP A 136 -7.25 -20.63 8.02
N GLU A 137 -6.28 -21.53 8.02
CA GLU A 137 -5.19 -21.57 7.03
C GLU A 137 -4.85 -23.05 6.81
N TYR A 138 -4.57 -23.39 5.54
CA TYR A 138 -4.51 -24.79 5.12
C TYR A 138 -3.22 -25.12 4.39
N LEU A 139 -2.84 -26.39 4.47
CA LEU A 139 -1.69 -26.94 3.76
C LEU A 139 -2.21 -27.96 2.74
N VAL A 140 -2.42 -27.49 1.51
CA VAL A 140 -3.00 -28.32 0.43
C VAL A 140 -2.58 -27.83 -0.95
N GLY A 141 -2.50 -28.76 -1.91
CA GLY A 141 -2.15 -28.47 -3.31
C GLY A 141 -0.78 -28.97 -3.71
N GLU A 142 -0.51 -28.99 -5.01
CA GLU A 142 0.79 -29.43 -5.54
C GLU A 142 1.88 -28.40 -5.23
N THR A 143 2.34 -28.42 -3.98
CA THR A 143 3.33 -27.48 -3.46
C THR A 143 4.15 -28.20 -2.39
N PRO A 144 5.49 -28.10 -2.43
CA PRO A 144 6.30 -28.67 -1.33
C PRO A 144 6.00 -28.01 0.01
N ILE A 145 6.28 -28.72 1.10
CA ILE A 145 6.04 -28.17 2.45
C ILE A 145 6.88 -26.92 2.74
N LYS A 146 8.11 -26.87 2.19
CA LYS A 146 8.97 -25.68 2.24
C LYS A 146 8.40 -24.42 1.55
N ASN A 147 7.53 -24.61 0.57
CA ASN A 147 6.96 -23.52 -0.24
C ASN A 147 5.65 -22.89 0.27
N PHE A 148 5.14 -23.37 1.41
CA PHE A 148 4.02 -22.72 2.11
C PHE A 148 4.58 -21.64 3.04
N GLN A 149 3.96 -20.45 3.03
CA GLN A 149 4.45 -19.31 3.82
C GLN A 149 4.34 -19.51 5.34
N TRP A 150 3.31 -20.26 5.78
CA TRP A 150 3.13 -20.53 7.21
C TRP A 150 4.25 -21.40 7.78
N VAL A 151 4.68 -22.39 7.01
CA VAL A 151 5.78 -23.27 7.39
C VAL A 151 7.06 -22.43 7.55
N ARG A 152 7.27 -21.50 6.62
CA ARG A 152 8.43 -20.59 6.66
C ARG A 152 8.40 -19.63 7.85
N HIS A 153 7.21 -19.19 8.26
CA HIS A 153 7.06 -18.37 9.47
C HIS A 153 7.50 -19.10 10.74
N CYS A 154 7.13 -20.38 10.84
CA CYS A 154 7.54 -21.21 11.97
C CYS A 154 9.06 -21.36 12.04
N LEU A 155 9.67 -21.74 10.92
CA LEU A 155 11.13 -21.84 10.80
C LEU A 155 11.85 -20.53 11.14
N LYS A 156 11.30 -19.41 10.67
CA LYS A 156 11.85 -18.08 10.95
C LYS A 156 11.85 -17.77 12.44
N ASN A 157 10.67 -17.89 13.07
CA ASN A 157 10.50 -17.60 14.50
C ASN A 157 10.95 -18.72 15.45
N GLY A 158 11.28 -19.89 14.90
CA GLY A 158 11.70 -21.05 15.71
C GLY A 158 10.55 -21.77 16.40
N GLU A 159 9.31 -21.52 15.97
CA GLU A 159 8.13 -22.20 16.52
C GLU A 159 7.99 -23.59 15.90
N GLU A 160 7.21 -24.43 16.59
CA GLU A 160 6.86 -25.76 16.09
C GLU A 160 5.71 -25.65 15.08
N ILE A 161 5.58 -26.66 14.22
CA ILE A 161 4.54 -26.69 13.18
C ILE A 161 3.42 -27.62 13.64
N HIS A 162 2.30 -27.03 14.05
CA HIS A 162 1.17 -27.77 14.62
C HIS A 162 -0.06 -27.72 13.70
N VAL A 163 -0.69 -28.87 13.53
CA VAL A 163 -1.67 -29.10 12.47
C VAL A 163 -2.84 -29.92 13.03
N VAL A 164 -4.03 -29.75 12.44
CA VAL A 164 -5.22 -30.54 12.80
C VAL A 164 -5.78 -31.24 11.55
N LEU A 165 -5.80 -32.57 11.59
CA LEU A 165 -6.43 -33.37 10.54
C LEU A 165 -7.95 -33.23 10.67
N ASP A 166 -8.58 -32.52 9.74
CA ASP A 166 -10.04 -32.36 9.75
C ASP A 166 -10.63 -32.11 8.35
N THR A 167 -11.95 -31.94 8.30
CA THR A 167 -12.70 -31.94 7.04
C THR A 167 -12.39 -30.74 6.15
N PRO A 168 -12.27 -30.96 4.82
CA PRO A 168 -12.27 -29.87 3.85
C PRO A 168 -13.57 -29.06 3.90
N PRO A 169 -13.47 -27.70 3.89
CA PRO A 169 -14.68 -26.88 3.97
C PRO A 169 -15.48 -26.91 2.68
N ASP A 170 -16.80 -27.04 2.81
CA ASP A 170 -17.70 -27.17 1.66
C ASP A 170 -17.59 -25.95 0.74
N PRO A 171 -17.31 -26.15 -0.57
CA PRO A 171 -17.32 -25.04 -1.54
C PRO A 171 -18.69 -24.38 -1.80
N ALA A 172 -19.79 -25.06 -1.48
CA ALA A 172 -21.14 -24.46 -1.54
C ALA A 172 -21.28 -23.20 -0.68
N LEU A 173 -20.50 -23.11 0.40
CA LEU A 173 -20.44 -21.91 1.25
C LEU A 173 -19.94 -20.66 0.52
N ASP A 174 -19.10 -20.86 -0.51
CA ASP A 174 -18.60 -19.78 -1.38
C ASP A 174 -19.49 -19.49 -2.61
N GLU A 175 -20.76 -19.91 -2.59
CA GLU A 175 -21.64 -19.72 -3.75
C GLU A 175 -21.95 -18.24 -3.97
N VAL A 176 -22.12 -17.89 -5.24
CA VAL A 176 -22.40 -16.52 -5.68
C VAL A 176 -23.85 -16.47 -6.17
N ARG A 177 -24.50 -15.31 -5.98
CA ARG A 177 -25.87 -15.09 -6.46
C ARG A 177 -25.95 -14.97 -7.98
N LYS A 178 -27.16 -15.19 -8.49
CA LYS A 178 -27.46 -14.99 -9.92
C LYS A 178 -27.70 -13.50 -10.20
N GLU A 179 -27.65 -13.11 -11.48
CA GLU A 179 -27.99 -11.75 -11.91
C GLU A 179 -29.12 -11.77 -12.94
N CYS A 215 -11.44 16.16 -38.11
CA CYS A 215 -11.90 17.54 -38.02
C CYS A 215 -10.75 18.50 -37.73
N ASP A 216 -10.32 19.26 -38.75
CA ASP A 216 -9.20 20.20 -38.65
C ASP A 216 -9.51 21.53 -37.93
N ARG A 217 -10.77 21.72 -37.48
CA ARG A 217 -11.16 22.85 -36.64
C ARG A 217 -10.38 22.87 -35.32
N LYS A 218 -10.26 24.05 -34.70
CA LYS A 218 -9.62 24.18 -33.38
C LYS A 218 -10.60 23.85 -32.26
N PHE A 219 -10.10 23.23 -31.19
CA PHE A 219 -10.88 23.01 -29.98
C PHE A 219 -11.09 24.35 -29.27
N ARG A 220 -12.31 24.58 -28.78
CA ARG A 220 -12.62 25.72 -27.91
C ARG A 220 -13.62 25.37 -26.81
N VAL A 221 -13.59 26.14 -25.73
CA VAL A 221 -14.53 26.03 -24.61
C VAL A 221 -15.02 27.43 -24.24
N LYS A 222 -16.33 27.58 -24.03
CA LYS A 222 -16.91 28.83 -23.53
C LYS A 222 -16.95 28.79 -22.02
N ILE A 223 -16.22 29.70 -21.37
CA ILE A 223 -16.31 29.93 -19.93
C ILE A 223 -17.47 30.91 -19.70
N ARG A 224 -18.57 30.40 -19.17
CA ARG A 224 -19.74 31.23 -18.87
C ARG A 224 -19.50 32.08 -17.64
N GLY A 225 -19.07 31.43 -16.57
CA GLY A 225 -18.72 32.13 -15.33
C GLY A 225 -18.58 31.19 -14.15
N ILE A 226 -18.32 31.78 -12.98
CA ILE A 226 -18.20 31.03 -11.72
C ILE A 226 -19.26 31.47 -10.73
N ASP A 227 -19.70 30.54 -9.91
CA ASP A 227 -20.68 30.80 -8.85
C ASP A 227 -20.21 30.17 -7.55
N ILE A 228 -20.25 30.93 -6.47
CA ILE A 228 -20.10 30.41 -5.11
C ILE A 228 -21.18 31.02 -4.20
N PRO A 229 -21.79 30.23 -3.30
CA PRO A 229 -22.83 30.81 -2.43
C PRO A 229 -22.27 31.82 -1.41
N VAL A 230 -21.20 31.43 -0.73
CA VAL A 230 -20.52 32.27 0.26
C VAL A 230 -19.07 32.48 -0.17
N LEU A 231 -18.59 33.73 -0.06
CA LEU A 231 -17.20 34.06 -0.40
C LEU A 231 -16.27 33.68 0.75
N LEU A 237 -9.74 41.50 -3.86
CA LEU A 237 -8.78 40.83 -4.73
C LEU A 237 -9.39 40.44 -6.08
N THR A 238 -8.54 40.37 -7.10
CA THR A 238 -8.95 39.95 -8.46
C THR A 238 -8.93 38.43 -8.62
N VAL A 239 -9.58 37.94 -9.68
CA VAL A 239 -9.71 36.51 -9.97
C VAL A 239 -9.78 36.23 -11.48
N PHE A 240 -9.15 35.13 -11.92
CA PHE A 240 -9.26 34.63 -13.30
C PHE A 240 -9.34 33.11 -13.36
N VAL A 241 -9.74 32.59 -14.51
CA VAL A 241 -9.91 31.16 -14.75
C VAL A 241 -8.87 30.69 -15.76
N GLU A 242 -8.17 29.60 -15.45
CA GLU A 242 -7.16 29.01 -16.33
C GLU A 242 -7.60 27.63 -16.82
N ALA A 243 -7.99 27.56 -18.09
CA ALA A 243 -8.34 26.30 -18.73
C ALA A 243 -7.09 25.67 -19.36
N ASN A 244 -6.70 24.50 -18.87
CA ASN A 244 -5.58 23.72 -19.40
C ASN A 244 -6.05 22.48 -20.15
N ILE A 245 -5.27 22.03 -21.12
CA ILE A 245 -5.47 20.74 -21.78
C ILE A 245 -4.35 19.83 -21.29
N GLN A 246 -4.69 18.79 -20.52
CA GLN A 246 -3.70 17.90 -19.88
C GLN A 246 -3.75 16.43 -20.36
N HIS A 247 -2.56 15.83 -20.47
CA HIS A 247 -2.42 14.40 -20.78
C HIS A 247 -1.25 13.81 -19.99
N GLY A 248 -1.55 13.19 -18.85
CA GLY A 248 -0.52 12.65 -17.95
C GLY A 248 0.25 13.76 -17.26
N GLN A 249 -0.51 14.73 -16.70
CA GLN A 249 0.00 16.01 -16.19
C GLN A 249 1.20 16.58 -16.98
N GLN A 250 1.00 16.70 -18.29
CA GLN A 250 1.85 17.46 -19.19
C GLN A 250 0.93 18.45 -19.90
N VAL A 251 1.11 19.74 -19.62
CA VAL A 251 0.23 20.78 -20.15
C VAL A 251 0.54 21.02 -21.62
N LEU A 252 -0.37 20.57 -22.48
CA LEU A 252 -0.20 20.71 -23.93
C LEU A 252 -0.60 22.12 -24.37
N CYS A 253 -1.81 22.51 -24.00
CA CYS A 253 -2.41 23.81 -24.34
C CYS A 253 -2.92 24.48 -23.08
N GLN A 254 -2.82 25.81 -23.04
CA GLN A 254 -3.25 26.60 -21.89
C GLN A 254 -3.77 27.96 -22.35
N ARG A 255 -4.96 28.31 -21.87
CA ARG A 255 -5.55 29.65 -22.06
C ARG A 255 -6.09 30.16 -20.71
N ARG A 256 -5.83 31.44 -20.44
CA ARG A 256 -6.40 32.14 -19.28
C ARG A 256 -7.52 33.09 -19.73
N THR A 257 -8.37 33.48 -18.79
CA THR A 257 -9.35 34.55 -19.01
C THR A 257 -8.78 35.89 -18.58
N SER A 258 -9.53 36.95 -18.87
CA SER A 258 -9.25 38.29 -18.36
C SER A 258 -9.57 38.32 -16.87
N PRO A 259 -8.73 39.01 -16.07
CA PRO A 259 -8.99 39.06 -14.62
C PRO A 259 -10.12 40.02 -14.25
N LYS A 260 -11.23 39.48 -13.75
CA LYS A 260 -12.34 40.28 -13.22
C LYS A 260 -12.24 40.39 -11.69
N PRO A 261 -13.02 41.30 -11.06
CA PRO A 261 -13.07 41.33 -9.59
C PRO A 261 -13.76 40.09 -9.00
N PHE A 262 -13.42 39.77 -7.75
CA PHE A 262 -13.90 38.55 -7.08
C PHE A 262 -15.18 38.84 -6.28
N THR A 263 -16.25 38.15 -6.65
CA THR A 263 -17.56 38.26 -6.00
C THR A 263 -18.23 36.87 -6.01
N GLU A 264 -19.38 36.76 -5.37
CA GLU A 264 -20.14 35.49 -5.33
C GLU A 264 -20.52 34.98 -6.72
N GLU A 265 -20.78 35.90 -7.66
CA GLU A 265 -20.98 35.57 -9.07
C GLU A 265 -20.00 36.39 -9.92
N VAL A 266 -19.26 35.70 -10.79
CA VAL A 266 -18.34 36.35 -11.75
C VAL A 266 -18.53 35.70 -13.13
N LEU A 267 -19.11 36.46 -14.06
CA LEU A 267 -19.40 35.97 -15.41
C LEU A 267 -18.48 36.62 -16.45
N TRP A 268 -17.99 35.79 -17.37
CA TRP A 268 -17.15 36.21 -18.50
C TRP A 268 -17.90 36.07 -19.83
N ASN A 269 -18.41 34.87 -20.07
CA ASN A 269 -19.06 34.48 -21.33
C ASN A 269 -18.09 34.60 -22.52
N VAL A 270 -16.90 34.03 -22.35
CA VAL A 270 -15.80 34.15 -23.32
C VAL A 270 -15.45 32.79 -23.93
N TRP A 271 -15.45 32.74 -25.25
CA TRP A 271 -14.86 31.60 -25.97
C TRP A 271 -13.35 31.65 -25.80
N LEU A 272 -12.77 30.53 -25.38
CA LEU A 272 -11.32 30.37 -25.28
C LEU A 272 -10.88 29.43 -26.37
N GLU A 273 -10.35 29.99 -27.46
CA GLU A 273 -9.82 29.21 -28.57
C GLU A 273 -8.42 28.72 -28.18
N PHE A 274 -8.23 27.39 -28.21
CA PHE A 274 -6.91 26.78 -27.95
C PHE A 274 -6.11 26.60 -29.24
N SER A 275 -4.82 26.35 -29.08
CA SER A 275 -3.93 26.04 -30.20
C SER A 275 -4.24 24.68 -30.82
N ILE A 276 -4.59 23.71 -29.97
CA ILE A 276 -4.83 22.32 -30.41
C ILE A 276 -6.12 22.14 -31.21
N LYS A 277 -6.05 21.26 -32.22
CA LYS A 277 -7.19 20.90 -33.06
C LYS A 277 -8.00 19.75 -32.44
N ILE A 278 -9.16 19.46 -33.03
CA ILE A 278 -10.08 18.43 -32.51
C ILE A 278 -9.46 17.04 -32.72
N LYS A 279 -9.09 16.75 -33.96
CA LYS A 279 -8.50 15.45 -34.33
C LYS A 279 -7.26 15.08 -33.51
N ASP A 280 -6.45 16.08 -33.18
CA ASP A 280 -5.20 15.88 -32.42
C ASP A 280 -5.39 15.54 -30.94
N LEU A 281 -6.59 15.75 -30.40
CA LEU A 281 -6.89 15.38 -29.00
C LEU A 281 -6.76 13.86 -28.80
N PRO A 282 -5.92 13.44 -27.83
CA PRO A 282 -5.76 12.02 -27.53
C PRO A 282 -6.76 11.54 -26.49
N LYS A 283 -7.04 10.23 -26.49
CA LYS A 283 -7.91 9.61 -25.48
C LYS A 283 -7.31 9.84 -24.09
N GLY A 284 -8.16 10.14 -23.13
CA GLY A 284 -7.72 10.50 -21.79
C GLY A 284 -7.35 11.96 -21.58
N ALA A 285 -7.42 12.77 -22.64
CA ALA A 285 -7.12 14.21 -22.53
C ALA A 285 -8.09 14.85 -21.55
N LEU A 286 -7.54 15.71 -20.69
CA LEU A 286 -8.21 16.16 -19.48
C LEU A 286 -8.29 17.69 -19.45
N LEU A 287 -9.49 18.22 -19.72
CA LEU A 287 -9.74 19.66 -19.60
C LEU A 287 -9.70 20.07 -18.12
N ASN A 288 -8.61 20.73 -17.73
CA ASN A 288 -8.37 21.12 -16.33
C ASN A 288 -8.69 22.59 -16.12
N LEU A 289 -9.86 22.85 -15.52
CA LEU A 289 -10.28 24.21 -15.19
C LEU A 289 -9.79 24.56 -13.79
N GLN A 290 -9.15 25.72 -13.65
CA GLN A 290 -8.57 26.16 -12.38
C GLN A 290 -8.85 27.64 -12.13
N ILE A 291 -9.07 27.99 -10.86
CA ILE A 291 -9.37 29.36 -10.45
C ILE A 291 -8.23 29.88 -9.58
N TYR A 292 -7.59 30.96 -10.05
CA TYR A 292 -6.54 31.65 -9.33
C TYR A 292 -7.04 33.01 -8.87
N CYS A 293 -6.39 33.61 -7.88
CA CYS A 293 -6.75 34.95 -7.38
C CYS A 293 -5.56 35.89 -7.27
N VAL A 316 -1.77 34.73 -9.07
CA VAL A 316 -0.78 34.75 -7.98
C VAL A 316 -0.90 33.52 -7.06
N GLN A 317 -2.14 33.10 -6.77
CA GLN A 317 -2.40 31.94 -5.88
C GLN A 317 -3.59 31.11 -6.36
N LEU A 318 -3.48 29.78 -6.20
CA LEU A 318 -4.49 28.81 -6.67
C LEU A 318 -5.51 28.47 -5.58
N LEU A 319 -6.80 28.70 -5.86
CA LEU A 319 -7.88 28.47 -4.89
C LEU A 319 -8.67 27.18 -5.13
N TYR A 320 -9.12 26.98 -6.37
CA TYR A 320 -10.01 25.86 -6.72
C TYR A 320 -9.55 25.17 -8.00
N TYR A 321 -10.00 23.93 -8.19
CA TYR A 321 -9.74 23.18 -9.42
C TYR A 321 -10.80 22.13 -9.70
N VAL A 322 -10.92 21.75 -10.98
CA VAL A 322 -11.80 20.66 -11.43
C VAL A 322 -11.37 20.17 -12.81
N ASN A 323 -11.68 18.92 -13.15
CA ASN A 323 -11.30 18.31 -14.42
C ASN A 323 -12.47 17.70 -15.18
N LEU A 324 -12.36 17.69 -16.50
CA LEU A 324 -13.35 17.09 -17.40
C LEU A 324 -12.63 16.34 -18.52
N LEU A 325 -12.96 15.07 -18.71
CA LEU A 325 -12.35 14.26 -19.78
C LEU A 325 -12.95 14.64 -21.13
N LEU A 326 -12.13 15.22 -21.99
CA LEU A 326 -12.59 15.70 -23.30
C LEU A 326 -13.06 14.57 -24.22
N ILE A 327 -12.46 13.38 -24.10
CA ILE A 327 -12.88 12.20 -24.85
C ILE A 327 -13.39 11.15 -23.86
N ASP A 328 -14.68 10.81 -23.97
CA ASP A 328 -15.37 9.98 -22.98
C ASP A 328 -15.12 8.47 -23.14
N HIS A 329 -15.62 7.72 -22.16
CA HIS A 329 -15.58 6.25 -22.14
C HIS A 329 -16.10 5.51 -23.38
N ARG A 330 -17.01 6.14 -24.13
CA ARG A 330 -17.45 5.63 -25.45
C ARG A 330 -16.68 6.24 -26.65
N PHE A 331 -15.48 6.79 -26.42
CA PHE A 331 -14.64 7.41 -27.47
C PHE A 331 -15.28 8.61 -28.20
N LEU A 332 -16.29 9.23 -27.58
CA LEU A 332 -17.00 10.37 -28.17
C LEU A 332 -16.37 11.66 -27.67
N LEU A 333 -16.36 12.68 -28.51
CA LEU A 333 -15.96 14.03 -28.10
C LEU A 333 -17.02 14.58 -27.17
N ARG A 334 -16.58 15.17 -26.05
CA ARG A 334 -17.48 15.68 -25.03
C ARG A 334 -18.11 17.01 -25.44
N ARG A 335 -19.44 17.08 -25.38
CA ARG A 335 -20.19 18.30 -25.76
C ARG A 335 -21.31 18.61 -24.77
N GLY A 336 -21.82 19.84 -24.85
CA GLY A 336 -22.96 20.29 -24.05
C GLY A 336 -22.61 21.24 -22.92
N GLU A 337 -23.64 21.61 -22.17
CA GLU A 337 -23.52 22.49 -21.00
C GLU A 337 -23.08 21.68 -19.78
N TYR A 338 -22.22 22.27 -18.95
CA TYR A 338 -21.72 21.63 -17.72
C TYR A 338 -21.61 22.64 -16.58
N VAL A 339 -22.25 22.33 -15.46
CA VAL A 339 -22.08 23.10 -14.21
C VAL A 339 -21.30 22.22 -13.24
N LEU A 340 -19.97 22.30 -13.35
CA LEU A 340 -19.05 21.45 -12.58
C LEU A 340 -18.76 22.05 -11.21
N HIS A 341 -19.01 21.29 -10.14
CA HIS A 341 -18.69 21.74 -8.78
C HIS A 341 -17.25 21.36 -8.43
N MET A 342 -16.50 22.32 -7.91
CA MET A 342 -15.04 22.25 -7.86
C MET A 342 -14.50 21.89 -6.47
N TRP A 343 -13.28 21.34 -6.47
CA TRP A 343 -12.52 21.07 -5.25
C TRP A 343 -11.72 22.31 -4.89
N GLN A 344 -11.20 22.33 -3.67
CA GLN A 344 -10.50 23.47 -3.09
C GLN A 344 -9.09 23.06 -2.66
N ILE A 345 -8.19 24.04 -2.55
CA ILE A 345 -6.86 23.84 -1.96
C ILE A 345 -6.94 24.14 -0.46
N SER A 354 4.42 21.64 -6.72
CA SER A 354 3.62 20.85 -5.79
C SER A 354 2.44 20.17 -6.49
N PHE A 355 2.48 18.83 -6.55
CA PHE A 355 1.42 18.02 -7.18
C PHE A 355 0.95 16.86 -6.30
N ASN A 356 -0.27 16.39 -6.58
CA ASN A 356 -0.98 15.43 -5.75
C ASN A 356 -1.95 14.60 -6.60
N ALA A 357 -2.25 13.38 -6.15
CA ALA A 357 -3.14 12.48 -6.89
C ALA A 357 -4.59 12.97 -6.96
N ASP A 358 -5.02 13.73 -5.95
CA ASP A 358 -6.33 14.40 -5.95
C ASP A 358 -6.55 15.42 -7.09
N LYS A 359 -5.47 16.04 -7.58
CA LYS A 359 -5.56 17.04 -8.66
C LYS A 359 -5.95 16.48 -10.04
N LEU A 360 -5.86 15.17 -10.24
CA LEU A 360 -6.18 14.54 -11.53
C LEU A 360 -7.63 14.04 -11.69
N THR A 361 -8.43 14.11 -10.63
CA THR A 361 -9.70 13.37 -10.59
C THR A 361 -10.82 13.94 -11.47
N SER A 362 -11.48 13.05 -12.22
CA SER A 362 -12.70 13.38 -12.96
C SER A 362 -13.91 13.60 -12.06
N ALA A 363 -13.83 13.14 -10.81
CA ALA A 363 -14.86 13.40 -9.80
C ALA A 363 -15.04 14.89 -9.50
N THR A 364 -16.28 15.35 -9.55
CA THR A 364 -16.64 16.70 -9.12
C THR A 364 -17.04 16.68 -7.65
N ASN A 365 -16.93 17.83 -6.99
CA ASN A 365 -17.19 17.95 -5.55
C ASN A 365 -18.67 17.66 -5.23
N PRO A 366 -18.96 16.66 -4.36
CA PRO A 366 -20.36 16.36 -4.02
C PRO A 366 -21.07 17.38 -3.12
N ASP A 367 -20.30 18.18 -2.38
CA ASP A 367 -20.86 19.22 -1.50
C ASP A 367 -21.35 20.42 -2.30
N LYS A 368 -22.52 20.29 -2.91
CA LYS A 368 -23.12 21.37 -3.72
C LYS A 368 -23.68 22.53 -2.89
N GLU A 369 -23.94 22.29 -1.59
CA GLU A 369 -24.39 23.34 -0.68
C GLU A 369 -23.36 24.47 -0.51
N ASN A 370 -22.08 24.10 -0.38
CA ASN A 370 -21.00 25.06 -0.07
C ASN A 370 -19.90 25.27 -1.12
N SER A 371 -19.74 24.35 -2.07
CA SER A 371 -18.60 24.40 -3.00
C SER A 371 -18.67 25.49 -4.06
N MET A 372 -17.51 25.81 -4.62
CA MET A 372 -17.38 26.66 -5.80
C MET A 372 -17.91 25.91 -7.02
N SER A 373 -18.42 26.66 -7.99
CA SER A 373 -19.04 26.10 -9.19
C SER A 373 -18.55 26.89 -10.41
N ILE A 374 -18.42 26.19 -11.53
CA ILE A 374 -18.04 26.82 -12.81
C ILE A 374 -18.90 26.26 -13.94
N SER A 375 -19.32 27.16 -14.85
CA SER A 375 -20.18 26.79 -16.00
C SER A 375 -19.41 26.89 -17.32
N ILE A 376 -19.45 25.82 -18.12
CA ILE A 376 -18.83 25.80 -19.44
C ILE A 376 -19.77 25.26 -20.53
N LEU A 377 -19.55 25.72 -21.77
CA LEU A 377 -20.23 25.16 -22.95
C LEU A 377 -19.19 24.56 -23.89
N LEU A 378 -19.44 23.33 -24.33
CA LEU A 378 -18.65 22.65 -25.35
C LEU A 378 -19.55 22.36 -26.56
N ASP A 379 -19.25 22.99 -27.69
CA ASP A 379 -19.96 22.72 -28.96
C ASP A 379 -18.95 22.52 -30.09
N ASN A 380 -18.59 21.26 -30.33
CA ASN A 380 -17.56 20.88 -31.30
C ASN A 380 -18.04 19.74 -32.19
N ILE A 385 -19.06 13.58 -33.62
CA ILE A 385 -17.66 13.24 -33.88
C ILE A 385 -17.07 12.34 -32.77
N ALA A 386 -16.37 11.29 -33.19
CA ALA A 386 -15.76 10.32 -32.28
C ALA A 386 -14.29 10.12 -32.63
N LEU A 387 -13.56 9.51 -31.70
CA LEU A 387 -12.15 9.15 -31.91
C LEU A 387 -12.06 7.88 -32.76
N PRO A 388 -11.29 7.90 -33.87
CA PRO A 388 -11.07 6.69 -34.67
C PRO A 388 -10.48 5.50 -33.92
N ARG A 402 15.96 0.68 -39.93
CA ARG A 402 16.66 0.06 -41.05
C ARG A 402 17.93 0.83 -41.45
N ALA A 403 18.76 1.12 -40.45
CA ALA A 403 20.04 1.82 -40.65
C ALA A 403 20.94 1.69 -39.41
N GLU A 404 22.25 1.68 -39.62
CA GLU A 404 23.22 1.56 -38.52
C GLU A 404 23.33 2.89 -37.78
N MET A 405 23.09 2.84 -36.47
CA MET A 405 23.21 4.02 -35.60
C MET A 405 24.69 4.32 -35.30
N PRO A 406 25.10 5.60 -35.37
CA PRO A 406 26.45 6.02 -34.95
C PRO A 406 26.81 5.63 -33.51
N ASN A 407 28.10 5.53 -33.24
CA ASN A 407 28.57 5.12 -31.91
C ASN A 407 28.20 6.13 -30.83
N GLN A 408 28.53 7.40 -31.04
CA GLN A 408 28.35 8.45 -30.04
C GLN A 408 26.89 8.66 -29.65
N LEU A 409 25.98 8.56 -30.60
CA LEU A 409 24.55 8.68 -30.33
C LEU A 409 23.99 7.45 -29.64
N ARG A 410 24.46 6.26 -30.04
CA ARG A 410 24.11 5.01 -29.35
C ARG A 410 24.51 5.07 -27.87
N LYS A 411 25.74 5.53 -27.62
CA LYS A 411 26.23 5.73 -26.24
C LYS A 411 25.50 6.88 -25.51
N GLN A 412 25.13 7.93 -26.24
CA GLN A 412 24.27 9.00 -25.71
C GLN A 412 22.88 8.47 -25.36
N LEU A 413 22.34 7.59 -26.20
CA LEU A 413 21.04 6.97 -25.99
C LEU A 413 21.06 6.00 -24.82
N GLU A 414 22.07 5.13 -24.79
CA GLU A 414 22.27 4.20 -23.66
C GLU A 414 22.50 4.90 -22.33
N ALA A 415 23.15 6.06 -22.36
CA ALA A 415 23.36 6.89 -21.17
C ALA A 415 22.03 7.40 -20.58
N ILE A 416 21.13 7.85 -21.46
CA ILE A 416 19.79 8.31 -21.07
C ILE A 416 18.95 7.18 -20.47
N ILE A 417 19.04 5.99 -21.04
CA ILE A 417 18.32 4.81 -20.50
C ILE A 417 18.85 4.42 -19.12
N ALA A 418 20.16 4.59 -18.91
CA ALA A 418 20.80 4.26 -17.63
C ALA A 418 20.42 5.17 -16.44
N THR A 419 19.82 6.34 -16.71
CA THR A 419 19.47 7.27 -15.63
C THR A 419 18.24 6.81 -14.85
N ASP A 420 18.12 7.31 -13.62
CA ASP A 420 17.00 6.97 -12.72
C ASP A 420 15.67 7.58 -13.22
N PRO A 421 14.52 7.12 -12.68
CA PRO A 421 13.23 7.65 -13.17
C PRO A 421 13.06 9.16 -13.01
N LEU A 422 13.54 9.70 -11.89
CA LEU A 422 13.40 11.13 -11.58
C LEU A 422 14.35 12.03 -12.37
N ASN A 423 15.37 11.45 -13.01
CA ASN A 423 16.23 12.20 -13.93
C ASN A 423 15.40 12.74 -15.10
N PRO A 424 15.28 14.07 -15.21
CA PRO A 424 14.40 14.65 -16.23
C PRO A 424 15.02 14.60 -17.62
N LEU A 425 14.19 14.34 -18.62
CA LEU A 425 14.64 14.31 -20.01
C LEU A 425 14.51 15.71 -20.57
N THR A 426 15.61 16.23 -21.11
CA THR A 426 15.60 17.54 -21.78
C THR A 426 14.94 17.40 -23.17
N ALA A 427 14.68 18.54 -23.80
CA ALA A 427 14.15 18.55 -25.18
C ALA A 427 15.00 17.73 -26.15
N GLU A 428 16.32 17.80 -25.98
CA GLU A 428 17.29 17.05 -26.78
C GLU A 428 17.15 15.54 -26.56
N ASP A 429 17.13 15.13 -25.29
CA ASP A 429 16.98 13.71 -24.91
C ASP A 429 15.74 13.08 -25.54
N LYS A 430 14.62 13.78 -25.46
CA LYS A 430 13.35 13.28 -26.02
C LYS A 430 13.42 13.09 -27.53
N GLU A 431 13.88 14.12 -28.24
CA GLU A 431 14.03 14.05 -29.69
C GLU A 431 14.92 12.90 -30.15
N LEU A 432 15.95 12.60 -29.36
CA LEU A 432 16.85 11.46 -29.64
C LEU A 432 16.11 10.14 -29.45
N LEU A 433 15.46 9.98 -28.30
CA LEU A 433 14.63 8.80 -28.01
C LEU A 433 13.58 8.53 -29.09
N TRP A 434 12.94 9.59 -29.59
CA TRP A 434 11.90 9.43 -30.61
C TRP A 434 12.48 9.06 -31.97
N HIS A 435 13.49 9.80 -32.43
CA HIS A 435 14.10 9.54 -33.74
C HIS A 435 14.59 8.10 -33.83
N PHE A 436 15.25 7.63 -32.76
CA PHE A 436 15.73 6.25 -32.65
C PHE A 436 14.82 5.40 -31.75
N ARG A 437 13.51 5.53 -31.96
CA ARG A 437 12.52 4.79 -31.17
C ARG A 437 12.58 3.28 -31.38
N TYR A 438 12.94 2.82 -32.58
CA TYR A 438 13.08 1.39 -32.85
C TYR A 438 14.30 0.74 -32.20
N GLU A 439 15.37 1.51 -32.00
CA GLU A 439 16.50 1.09 -31.17
C GLU A 439 16.10 1.12 -29.70
N SER A 440 15.49 2.23 -29.28
CA SER A 440 14.96 2.39 -27.91
C SER A 440 14.05 1.24 -27.51
N LEU A 441 13.17 0.83 -28.42
CA LEU A 441 12.19 -0.25 -28.21
C LEU A 441 12.80 -1.62 -27.86
N LYS A 442 14.05 -1.85 -28.27
CA LYS A 442 14.78 -3.08 -27.90
C LYS A 442 15.23 -3.14 -26.42
N HIS A 443 15.12 -2.03 -25.68
CA HIS A 443 15.50 -1.96 -24.26
C HIS A 443 14.26 -1.69 -23.40
N PRO A 444 13.77 -2.71 -22.67
CA PRO A 444 12.61 -2.49 -21.79
C PRO A 444 12.72 -1.32 -20.81
N LYS A 445 13.92 -1.11 -20.26
CA LYS A 445 14.17 0.02 -19.33
C LYS A 445 14.01 1.40 -19.96
N ALA A 446 14.13 1.49 -21.29
CA ALA A 446 13.88 2.73 -22.03
C ALA A 446 12.41 3.16 -22.05
N TYR A 447 11.49 2.22 -21.89
CA TYR A 447 10.07 2.46 -22.22
C TYR A 447 9.49 3.72 -21.54
N PRO A 448 9.58 3.82 -20.19
CA PRO A 448 9.07 5.03 -19.51
C PRO A 448 9.59 6.34 -20.10
N LYS A 449 10.89 6.40 -20.36
CA LYS A 449 11.53 7.55 -20.97
C LYS A 449 11.09 7.73 -22.43
N LEU A 450 10.98 6.63 -23.16
CA LEU A 450 10.56 6.66 -24.56
C LEU A 450 9.16 7.23 -24.68
N PHE A 451 8.21 6.67 -23.92
CA PHE A 451 6.81 7.13 -23.96
C PHE A 451 6.57 8.46 -23.24
N SER A 452 7.50 8.88 -22.39
CA SER A 452 7.58 10.27 -21.92
C SER A 452 8.06 11.22 -23.02
N SER A 453 8.83 10.70 -23.96
CA SER A 453 9.34 11.46 -25.11
C SER A 453 8.42 11.34 -26.34
N VAL A 454 7.13 11.51 -26.14
CA VAL A 454 6.12 11.40 -27.19
C VAL A 454 5.24 12.62 -27.15
N LYS A 455 5.02 13.22 -28.32
CA LYS A 455 4.11 14.34 -28.46
C LYS A 455 2.72 13.74 -28.56
N TRP A 456 2.06 13.66 -27.41
CA TRP A 456 0.73 13.07 -27.30
C TRP A 456 -0.39 13.95 -27.88
N GLY A 457 -0.11 15.24 -28.10
CA GLY A 457 -1.04 16.15 -28.78
C GLY A 457 -0.90 16.23 -30.30
N GLN A 458 -0.49 15.13 -30.94
CA GLN A 458 -0.45 15.01 -32.40
C GLN A 458 -0.87 13.61 -32.81
N GLN A 459 -1.86 13.51 -33.70
CA GLN A 459 -2.48 12.23 -34.06
C GLN A 459 -1.51 11.32 -34.81
N GLU A 460 -0.84 11.89 -35.81
CA GLU A 460 0.16 11.15 -36.61
C GLU A 460 1.26 10.52 -35.74
N ILE A 461 1.71 11.24 -34.72
CA ILE A 461 2.75 10.74 -33.81
C ILE A 461 2.20 9.63 -32.89
N VAL A 462 1.01 9.84 -32.34
CA VAL A 462 0.34 8.81 -31.52
C VAL A 462 0.07 7.55 -32.35
N ALA A 463 -0.35 7.73 -33.60
CA ALA A 463 -0.52 6.61 -34.52
C ALA A 463 0.78 5.81 -34.62
N LYS A 464 1.88 6.53 -34.86
CA LYS A 464 3.21 5.93 -34.92
C LYS A 464 3.63 5.27 -33.62
N THR A 465 3.23 5.87 -32.50
CA THR A 465 3.44 5.28 -31.18
C THR A 465 2.67 3.97 -31.04
N TYR A 466 1.46 3.91 -31.56
CA TYR A 466 0.68 2.65 -31.57
C TYR A 466 1.25 1.61 -32.53
N GLN A 467 1.69 2.05 -33.71
CA GLN A 467 2.45 1.19 -34.63
C GLN A 467 3.69 0.59 -33.94
N LEU A 468 4.35 1.41 -33.12
CA LEU A 468 5.54 0.98 -32.36
C LEU A 468 5.19 -0.06 -31.29
N LEU A 469 4.05 0.13 -30.61
CA LEU A 469 3.58 -0.81 -29.59
C LEU A 469 3.15 -2.18 -30.13
N ALA A 470 2.89 -2.28 -31.43
CA ALA A 470 2.62 -3.57 -32.08
C ALA A 470 3.86 -4.45 -32.12
N ARG A 471 5.00 -3.86 -32.49
CA ARG A 471 6.30 -4.57 -32.52
C ARG A 471 6.86 -4.70 -31.11
N ARG A 472 6.20 -5.50 -30.28
CA ARG A 472 6.45 -5.54 -28.84
C ARG A 472 7.15 -6.84 -28.38
N GLU A 473 7.74 -7.59 -29.31
CA GLU A 473 8.35 -8.90 -29.03
C GLU A 473 9.29 -8.88 -27.82
N VAL A 474 10.10 -7.83 -27.69
CA VAL A 474 11.09 -7.75 -26.61
C VAL A 474 10.40 -7.51 -25.26
N TRP A 475 9.43 -6.60 -25.22
CA TRP A 475 8.68 -6.30 -23.99
C TRP A 475 7.95 -7.52 -23.43
N ASP A 476 7.24 -8.21 -24.32
CA ASP A 476 6.46 -9.40 -23.94
C ASP A 476 7.37 -10.51 -23.43
N GLN A 477 8.49 -10.74 -24.14
CA GLN A 477 9.48 -11.75 -23.72
C GLN A 477 10.34 -11.37 -22.52
N SER A 478 10.44 -10.08 -22.20
CA SER A 478 11.31 -9.59 -21.12
C SER A 478 10.96 -10.17 -19.76
N ALA A 479 11.98 -10.37 -18.94
CA ALA A 479 11.79 -10.78 -17.55
C ALA A 479 11.10 -9.64 -16.82
N LEU A 480 10.08 -9.98 -16.03
CA LEU A 480 9.26 -8.99 -15.32
C LEU A 480 10.09 -8.13 -14.37
N ASP A 481 10.04 -6.81 -14.61
CA ASP A 481 10.58 -5.83 -13.69
C ASP A 481 9.39 -5.04 -13.14
N VAL A 482 9.16 -5.16 -11.84
CA VAL A 482 8.00 -4.54 -11.17
C VAL A 482 8.16 -3.04 -11.11
N GLY A 483 9.36 -2.57 -10.77
CA GLY A 483 9.67 -1.14 -10.76
C GLY A 483 9.37 -0.48 -12.09
N LEU A 484 9.93 -1.05 -13.16
CA LEU A 484 9.68 -0.61 -14.53
C LEU A 484 8.21 -0.62 -14.89
N THR A 485 7.51 -1.66 -14.42
CA THR A 485 6.06 -1.75 -14.57
C THR A 485 5.33 -0.64 -13.81
N MET A 486 5.64 -0.47 -12.52
CA MET A 486 5.04 0.59 -11.70
C MET A 486 5.20 1.96 -12.35
N GLN A 487 6.38 2.23 -12.91
CA GLN A 487 6.65 3.50 -13.61
C GLN A 487 5.62 3.80 -14.67
N LEU A 488 5.23 2.78 -15.43
CA LEU A 488 4.24 2.94 -16.51
C LEU A 488 2.78 3.03 -16.03
N LEU A 489 2.54 2.92 -14.72
CA LEU A 489 1.22 3.17 -14.11
C LEU A 489 1.15 4.47 -13.26
N ASP A 490 2.23 5.26 -13.18
CA ASP A 490 2.21 6.50 -12.39
C ASP A 490 1.49 7.63 -13.14
N CYS A 491 1.46 8.82 -12.52
CA CYS A 491 0.79 10.01 -13.08
C CYS A 491 1.31 10.49 -14.44
N ASN A 492 2.59 10.23 -14.74
CA ASN A 492 3.22 10.67 -16.00
C ASN A 492 2.69 9.99 -17.26
N PHE A 493 2.05 8.84 -17.10
CA PHE A 493 1.48 8.09 -18.22
C PHE A 493 -0.02 8.04 -18.06
N SER A 494 -0.72 8.38 -19.15
CA SER A 494 -2.18 8.37 -19.18
C SER A 494 -2.77 7.82 -20.48
N ASP A 495 -1.95 7.15 -21.30
CA ASP A 495 -2.44 6.49 -22.49
C ASP A 495 -2.87 5.08 -22.13
N GLU A 496 -4.04 4.68 -22.60
CA GLU A 496 -4.63 3.40 -22.23
C GLU A 496 -3.72 2.24 -22.66
N ASN A 497 -3.35 2.25 -23.94
CA ASN A 497 -2.51 1.19 -24.53
C ASN A 497 -1.12 1.08 -23.90
N VAL A 498 -0.52 2.20 -23.50
CA VAL A 498 0.75 2.19 -22.77
C VAL A 498 0.58 1.51 -21.42
N ARG A 499 -0.38 2.02 -20.64
CA ARG A 499 -0.66 1.46 -19.31
C ARG A 499 -1.02 -0.03 -19.35
N ALA A 500 -1.69 -0.45 -20.43
CA ALA A 500 -2.03 -1.86 -20.64
C ALA A 500 -0.83 -2.80 -20.71
N ILE A 501 0.27 -2.35 -21.34
CA ILE A 501 1.46 -3.22 -21.49
C ILE A 501 2.14 -3.42 -20.14
N ALA A 502 2.02 -2.44 -19.24
CA ALA A 502 2.48 -2.58 -17.85
C ALA A 502 1.63 -3.63 -17.12
N VAL A 503 0.31 -3.49 -17.20
CA VAL A 503 -0.61 -4.46 -16.59
C VAL A 503 -0.39 -5.88 -17.13
N GLN A 504 -0.07 -5.98 -18.41
CA GLN A 504 0.29 -7.25 -19.06
C GLN A 504 1.44 -7.97 -18.34
N LYS A 505 2.46 -7.22 -17.95
CA LYS A 505 3.59 -7.79 -17.22
C LYS A 505 3.21 -8.25 -15.81
N LEU A 506 2.29 -7.54 -15.17
CA LEU A 506 1.81 -7.90 -13.82
C LEU A 506 1.10 -9.26 -13.76
N GLU A 507 0.46 -9.67 -14.85
CA GLU A 507 -0.31 -10.92 -14.91
C GLU A 507 0.51 -12.12 -14.41
N SER A 508 1.79 -12.15 -14.78
CA SER A 508 2.70 -13.24 -14.43
C SER A 508 3.09 -13.32 -12.95
N LEU A 509 2.83 -12.26 -12.17
CA LEU A 509 3.09 -12.26 -10.72
C LEU A 509 2.31 -13.36 -10.00
N GLU A 510 2.96 -13.95 -9.00
CA GLU A 510 2.28 -14.83 -8.05
C GLU A 510 1.34 -14.04 -7.15
N ASP A 511 0.36 -14.75 -6.58
CA ASP A 511 -0.53 -14.16 -5.57
C ASP A 511 0.26 -13.63 -4.36
N ASP A 512 1.33 -14.34 -3.99
CA ASP A 512 2.25 -13.88 -2.96
C ASP A 512 2.87 -12.51 -3.30
N ASP A 513 3.27 -12.32 -4.56
CA ASP A 513 3.78 -11.03 -5.03
C ASP A 513 2.71 -9.96 -5.16
N VAL A 514 1.49 -10.34 -5.57
CA VAL A 514 0.38 -9.37 -5.64
C VAL A 514 0.16 -8.70 -4.28
N LEU A 515 0.23 -9.48 -3.21
CA LEU A 515 0.05 -8.97 -1.83
C LEU A 515 1.13 -7.95 -1.47
N HIS A 516 2.38 -8.24 -1.83
CA HIS A 516 3.48 -7.29 -1.63
C HIS A 516 3.23 -5.91 -2.22
N TYR A 517 2.59 -5.84 -3.39
CA TYR A 517 2.35 -4.58 -4.10
C TYR A 517 0.87 -4.14 -4.18
N LEU A 518 -0.03 -4.87 -3.53
CA LEU A 518 -1.49 -4.66 -3.66
C LEU A 518 -1.90 -3.24 -3.31
N LEU A 519 -1.48 -2.78 -2.13
CA LEU A 519 -1.82 -1.42 -1.68
C LEU A 519 -1.40 -0.37 -2.70
N GLN A 520 -0.14 -0.45 -3.14
CA GLN A 520 0.38 0.50 -4.12
C GLN A 520 -0.29 0.38 -5.49
N LEU A 521 -0.72 -0.84 -5.85
CA LEU A 521 -1.52 -1.06 -7.05
C LEU A 521 -2.96 -0.55 -6.92
N VAL A 522 -3.54 -0.64 -5.72
CA VAL A 522 -4.85 -0.05 -5.46
C VAL A 522 -4.77 1.47 -5.55
N GLN A 523 -3.74 2.07 -4.98
CA GLN A 523 -3.57 3.52 -5.06
C GLN A 523 -3.25 3.98 -6.50
N ALA A 524 -2.58 3.11 -7.27
CA ALA A 524 -2.28 3.39 -8.68
C ALA A 524 -3.52 3.61 -9.56
N VAL A 525 -4.66 3.04 -9.15
CA VAL A 525 -5.95 3.29 -9.80
C VAL A 525 -6.32 4.78 -9.82
N LYS A 526 -5.82 5.56 -8.87
CA LYS A 526 -6.00 7.02 -8.86
C LYS A 526 -5.39 7.71 -10.08
N PHE A 527 -4.37 7.11 -10.69
CA PHE A 527 -3.73 7.67 -11.89
C PHE A 527 -4.42 7.28 -13.20
N GLU A 528 -5.38 6.34 -13.14
CA GLU A 528 -6.15 5.95 -14.33
C GLU A 528 -7.07 7.07 -14.80
N PRO A 529 -6.98 7.48 -16.08
CA PRO A 529 -7.91 8.49 -16.62
C PRO A 529 -9.38 8.11 -16.46
N TYR A 530 -9.72 6.87 -16.86
CA TYR A 530 -11.11 6.38 -16.85
C TYR A 530 -11.35 5.47 -15.67
N HIS A 531 -12.62 5.27 -15.33
CA HIS A 531 -13.00 4.38 -14.22
C HIS A 531 -12.65 2.94 -14.58
N ASP A 532 -13.25 2.44 -15.66
CA ASP A 532 -12.97 1.11 -16.18
C ASP A 532 -11.58 1.10 -16.82
N SER A 533 -10.74 0.15 -16.40
CA SER A 533 -9.36 0.08 -16.87
C SER A 533 -8.78 -1.31 -16.68
N ALA A 534 -7.70 -1.59 -17.40
CA ALA A 534 -6.97 -2.86 -17.31
C ALA A 534 -6.47 -3.16 -15.89
N LEU A 535 -6.06 -2.11 -15.17
CA LEU A 535 -5.57 -2.25 -13.79
C LEU A 535 -6.70 -2.64 -12.84
N ALA A 536 -7.78 -1.86 -12.87
CA ALA A 536 -8.98 -2.14 -12.08
C ALA A 536 -9.45 -3.59 -12.24
N ARG A 537 -9.52 -4.02 -13.50
CA ARG A 537 -9.92 -5.38 -13.84
C ARG A 537 -8.91 -6.43 -13.37
N PHE A 538 -7.62 -6.08 -13.39
CA PHE A 538 -6.58 -6.96 -12.87
C PHE A 538 -6.71 -7.18 -11.36
N LEU A 539 -6.97 -6.10 -10.62
CA LEU A 539 -7.20 -6.17 -9.17
C LEU A 539 -8.43 -7.01 -8.81
N LEU A 540 -9.53 -6.74 -9.50
CA LEU A 540 -10.76 -7.51 -9.37
C LEU A 540 -10.53 -9.00 -9.66
N LYS A 541 -9.90 -9.27 -10.80
CA LYS A 541 -9.64 -10.63 -11.30
C LYS A 541 -8.76 -11.42 -10.34
N ARG A 542 -7.68 -10.81 -9.87
CA ARG A 542 -6.78 -11.47 -8.91
C ARG A 542 -7.38 -11.49 -7.50
N GLY A 543 -8.26 -10.55 -7.20
CA GLY A 543 -9.00 -10.53 -5.93
C GLY A 543 -10.02 -11.64 -5.80
N LEU A 544 -10.75 -11.90 -6.89
CA LEU A 544 -11.73 -13.00 -6.93
C LEU A 544 -11.08 -14.39 -6.98
N ARG A 545 -9.89 -14.48 -7.55
CA ARG A 545 -9.15 -15.75 -7.64
C ARG A 545 -8.59 -16.23 -6.29
N ASN A 546 -8.32 -15.29 -5.37
CA ASN A 546 -7.65 -15.60 -4.10
C ASN A 546 -8.33 -14.84 -2.95
N LYS A 547 -8.76 -15.58 -1.92
CA LYS A 547 -9.46 -15.00 -0.78
C LYS A 547 -8.62 -14.00 0.01
N ARG A 548 -7.32 -14.28 0.13
CA ARG A 548 -6.43 -13.41 0.89
C ARG A 548 -6.26 -12.05 0.23
N ILE A 549 -5.96 -12.06 -1.07
CA ILE A 549 -5.90 -10.83 -1.87
C ILE A 549 -7.26 -10.11 -1.82
N GLY A 550 -8.33 -10.88 -1.95
CA GLY A 550 -9.68 -10.33 -1.86
C GLY A 550 -10.03 -9.67 -0.52
N HIS A 551 -9.55 -10.28 0.57
CA HIS A 551 -9.73 -9.71 1.91
C HIS A 551 -9.04 -8.36 2.02
N PHE A 552 -7.75 -8.33 1.68
CA PHE A 552 -6.97 -7.10 1.74
C PHE A 552 -7.39 -6.06 0.69
N LEU A 553 -7.93 -6.54 -0.44
CA LEU A 553 -8.52 -5.63 -1.44
C LEU A 553 -9.72 -4.89 -0.86
N PHE A 554 -10.63 -5.64 -0.23
CA PHE A 554 -11.82 -5.08 0.41
C PHE A 554 -11.45 -3.91 1.35
N TRP A 555 -10.52 -4.16 2.26
CA TRP A 555 -10.12 -3.15 3.24
C TRP A 555 -9.34 -1.97 2.65
N PHE A 556 -8.57 -2.21 1.58
CA PHE A 556 -7.86 -1.11 0.90
C PHE A 556 -8.82 -0.19 0.16
N LEU A 557 -9.82 -0.77 -0.51
CA LEU A 557 -10.85 0.01 -1.20
C LEU A 557 -11.78 0.71 -0.23
N ARG A 558 -12.22 -0.01 0.80
CA ARG A 558 -13.10 0.54 1.82
C ARG A 558 -12.45 1.67 2.61
N SER A 559 -11.15 1.55 2.87
CA SER A 559 -10.40 2.61 3.56
C SER A 559 -10.40 3.91 2.74
N GLU A 560 -10.20 3.80 1.42
CA GLU A 560 -10.19 4.95 0.52
C GLU A 560 -11.56 5.56 0.33
N ILE A 561 -12.57 4.70 0.19
CA ILE A 561 -13.96 5.13 0.06
C ILE A 561 -14.40 5.98 1.26
N ALA A 562 -13.96 5.59 2.45
CA ALA A 562 -14.31 6.30 3.68
C ALA A 562 -13.68 7.68 3.81
N GLN A 563 -12.46 7.87 3.31
CA GLN A 563 -11.73 9.14 3.54
C GLN A 563 -11.11 9.78 2.28
N SER A 564 -11.72 9.55 1.12
CA SER A 564 -11.34 10.26 -0.12
C SER A 564 -12.57 10.55 -0.97
N ARG A 565 -13.08 11.78 -0.84
CA ARG A 565 -14.15 12.27 -1.72
C ARG A 565 -13.71 12.35 -3.19
N HIS A 566 -12.42 12.59 -3.41
CA HIS A 566 -11.82 12.62 -4.75
C HIS A 566 -11.92 11.31 -5.52
N TYR A 567 -11.81 10.17 -4.82
CA TYR A 567 -11.82 8.85 -5.48
C TYR A 567 -12.81 7.78 -4.94
N GLN A 568 -13.65 8.12 -3.97
CA GLN A 568 -14.59 7.14 -3.40
C GLN A 568 -15.55 6.53 -4.43
N GLN A 569 -16.05 7.36 -5.35
CA GLN A 569 -16.97 6.91 -6.41
C GLN A 569 -16.38 5.79 -7.27
N ARG A 570 -15.12 5.97 -7.65
CA ARG A 570 -14.41 5.01 -8.50
C ARG A 570 -14.22 3.69 -7.76
N PHE A 571 -13.57 3.78 -6.59
CA PHE A 571 -13.28 2.59 -5.77
C PHE A 571 -14.53 1.80 -5.39
N ALA A 572 -15.61 2.50 -5.07
CA ALA A 572 -16.89 1.88 -4.71
C ALA A 572 -17.42 0.95 -5.81
N VAL A 573 -17.39 1.44 -7.05
CA VAL A 573 -17.81 0.65 -8.21
C VAL A 573 -16.97 -0.62 -8.34
N ILE A 574 -15.66 -0.50 -8.08
CA ILE A 574 -14.74 -1.65 -8.07
C ILE A 574 -15.06 -2.59 -6.92
N LEU A 575 -15.29 -2.03 -5.73
CA LEU A 575 -15.54 -2.84 -4.53
C LEU A 575 -16.86 -3.60 -4.62
N GLU A 576 -17.90 -2.92 -5.10
CA GLU A 576 -19.19 -3.56 -5.37
C GLU A 576 -19.01 -4.75 -6.31
N ALA A 577 -18.17 -4.58 -7.34
CA ALA A 577 -17.90 -5.65 -8.30
C ALA A 577 -17.16 -6.83 -7.68
N TYR A 578 -16.21 -6.56 -6.77
CA TYR A 578 -15.55 -7.65 -6.04
C TYR A 578 -16.54 -8.40 -5.18
N LEU A 579 -17.26 -7.66 -4.33
CA LEU A 579 -18.23 -8.26 -3.40
C LEU A 579 -19.31 -9.07 -4.09
N ARG A 580 -19.72 -8.67 -5.29
CA ARG A 580 -20.70 -9.43 -6.08
C ARG A 580 -20.21 -10.81 -6.56
N GLY A 581 -18.91 -11.06 -6.50
CA GLY A 581 -18.34 -12.37 -6.84
C GLY A 581 -17.48 -13.06 -5.78
N CYS A 582 -17.26 -12.42 -4.64
CA CYS A 582 -16.37 -12.98 -3.61
C CYS A 582 -16.95 -14.26 -3.01
N GLY A 583 -18.26 -14.26 -2.74
CA GLY A 583 -18.99 -15.43 -2.26
C GLY A 583 -19.67 -15.16 -0.94
N THR A 584 -20.72 -15.93 -0.66
CA THR A 584 -21.54 -15.78 0.56
C THR A 584 -20.74 -15.87 1.86
N ALA A 585 -19.80 -16.81 1.90
CA ALA A 585 -18.92 -16.99 3.06
C ALA A 585 -18.17 -15.72 3.42
N MET A 586 -17.56 -15.07 2.42
CA MET A 586 -16.77 -13.86 2.65
C MET A 586 -17.64 -12.61 2.90
N LEU A 587 -18.80 -12.52 2.23
CA LEU A 587 -19.79 -11.47 2.50
C LEU A 587 -20.24 -11.47 3.97
N HIS A 588 -20.43 -12.68 4.52
CA HIS A 588 -20.76 -12.85 5.92
C HIS A 588 -19.62 -12.41 6.85
N ASP A 589 -18.38 -12.76 6.46
CA ASP A 589 -17.21 -12.42 7.26
C ASP A 589 -16.96 -10.91 7.30
N PHE A 590 -16.98 -10.28 6.13
CA PHE A 590 -16.86 -8.81 6.03
C PHE A 590 -17.97 -8.10 6.82
N THR A 591 -19.19 -8.63 6.76
CA THR A 591 -20.32 -8.09 7.53
C THR A 591 -20.02 -8.15 9.02
N GLN A 592 -19.49 -9.28 9.49
CA GLN A 592 -19.13 -9.42 10.91
C GLN A 592 -17.98 -8.49 11.32
N GLN A 593 -17.01 -8.29 10.43
CA GLN A 593 -15.90 -7.40 10.71
C GLN A 593 -16.35 -5.94 10.75
N VAL A 594 -17.07 -5.52 9.71
CA VAL A 594 -17.61 -4.16 9.61
C VAL A 594 -18.50 -3.77 10.80
N GLN A 595 -19.23 -4.73 11.35
CA GLN A 595 -20.01 -4.50 12.57
C GLN A 595 -19.11 -4.23 13.78
N VAL A 596 -18.12 -5.09 13.99
CA VAL A 596 -17.18 -4.97 15.11
C VAL A 596 -16.46 -3.63 15.10
N ILE A 597 -15.96 -3.22 13.94
CA ILE A 597 -15.31 -1.91 13.78
C ILE A 597 -16.29 -0.77 14.08
N GLU A 598 -17.52 -0.88 13.58
CA GLU A 598 -18.58 0.09 13.87
C GLU A 598 -18.95 0.16 15.35
N MET A 599 -18.97 -0.98 16.04
CA MET A 599 -19.16 -1.00 17.50
C MET A 599 -18.04 -0.22 18.19
N LEU A 600 -16.81 -0.56 17.84
CA LEU A 600 -15.61 0.00 18.48
C LEU A 600 -15.35 1.47 18.11
N GLN A 601 -15.78 1.90 16.93
CA GLN A 601 -15.70 3.30 16.50
C GLN A 601 -16.54 4.23 17.40
N LYS A 602 -17.74 3.77 17.75
CA LYS A 602 -18.63 4.51 18.65
C LYS A 602 -18.03 4.65 20.06
N VAL A 603 -17.49 3.55 20.58
CA VAL A 603 -16.91 3.53 21.93
C VAL A 603 -15.75 4.52 22.02
N THR A 604 -14.80 4.42 21.09
CA THR A 604 -13.62 5.29 21.09
C THR A 604 -13.97 6.78 20.90
N LEU A 605 -15.02 7.06 20.12
CA LEU A 605 -15.54 8.43 19.95
C LEU A 605 -16.16 9.01 21.24
N ASP A 606 -16.96 8.19 21.92
CA ASP A 606 -17.60 8.60 23.18
C ASP A 606 -16.60 8.69 24.35
N ILE A 607 -15.75 7.68 24.47
CA ILE A 607 -14.75 7.59 25.56
C ILE A 607 -13.77 8.77 25.60
N LYS A 608 -13.27 9.19 24.43
CA LYS A 608 -12.30 10.29 24.34
C LYS A 608 -12.81 11.62 24.92
N SER A 609 -14.11 11.87 24.77
CA SER A 609 -14.75 13.06 25.36
C SER A 609 -14.58 13.16 26.87
N LEU A 610 -14.63 12.02 27.56
CA LEU A 610 -14.48 11.95 29.01
C LEU A 610 -13.02 12.12 29.41
N GLU A 613 -8.61 16.67 28.13
CA GLU A 613 -7.68 15.91 27.31
C GLU A 613 -6.23 15.96 27.84
N LYS A 614 -6.09 16.03 29.17
CA LYS A 614 -4.77 16.01 29.81
C LYS A 614 -4.18 14.60 29.72
N TYR A 615 -2.88 14.52 29.45
CA TYR A 615 -2.18 13.26 29.11
C TYR A 615 -2.47 12.08 30.04
N ASP A 616 -2.58 12.35 31.34
CA ASP A 616 -2.90 11.33 32.34
C ASP A 616 -4.37 10.91 32.22
N VAL A 617 -4.59 9.60 32.02
CA VAL A 617 -5.94 9.04 31.92
C VAL A 617 -6.51 8.77 33.31
N SER A 618 -7.81 9.00 33.48
CA SER A 618 -8.48 8.77 34.76
C SER A 618 -8.69 7.27 35.03
N SER A 619 -8.92 6.95 36.30
CA SER A 619 -9.19 5.58 36.74
C SER A 619 -10.59 5.14 36.33
N GLN A 620 -11.58 6.03 36.53
CA GLN A 620 -12.97 5.72 36.19
C GLN A 620 -13.22 5.66 34.68
N VAL A 621 -12.48 6.43 33.89
CA VAL A 621 -12.55 6.36 32.41
C VAL A 621 -12.27 4.93 31.89
N ILE A 622 -11.37 4.20 32.56
CA ILE A 622 -11.11 2.79 32.24
C ILE A 622 -12.33 1.93 32.62
N SER A 623 -12.92 2.19 33.78
CA SER A 623 -14.14 1.52 34.22
C SER A 623 -15.36 1.86 33.33
N GLN A 624 -15.40 3.09 32.81
CA GLN A 624 -16.40 3.50 31.81
C GLN A 624 -16.25 2.76 30.49
N LEU A 625 -15.01 2.51 30.06
CA LEU A 625 -14.73 1.69 28.87
C LEU A 625 -15.20 0.26 29.10
N LYS A 626 -14.81 -0.32 30.24
CA LYS A 626 -15.23 -1.67 30.63
C LYS A 626 -16.75 -1.80 30.79
N GLN A 627 -17.44 -0.72 31.18
CA GLN A 627 -18.91 -0.67 31.19
C GLN A 627 -19.50 -0.77 29.78
N LYS A 628 -18.95 -0.03 28.83
CA LYS A 628 -19.40 -0.06 27.44
C LYS A 628 -19.05 -1.37 26.73
N LEU A 629 -17.87 -1.91 27.01
CA LEU A 629 -17.45 -3.20 26.45
C LEU A 629 -18.18 -4.40 27.08
N GLU A 630 -18.78 -4.20 28.27
CA GLU A 630 -19.80 -5.12 28.78
C GLU A 630 -21.09 -4.99 27.96
N ASN A 631 -21.55 -3.75 27.76
CA ASN A 631 -22.78 -3.47 26.98
C ASN A 631 -22.73 -3.99 25.55
N LEU A 632 -21.60 -3.76 24.86
CA LEU A 632 -21.42 -4.16 23.46
C LEU A 632 -21.50 -5.67 23.26
N GLN A 633 -20.80 -6.41 24.13
CA GLN A 633 -20.73 -7.88 24.03
C GLN A 633 -22.07 -8.59 24.26
N ASN A 634 -22.94 -7.99 25.07
CA ASN A 634 -24.22 -8.61 25.41
C ASN A 634 -25.27 -8.58 24.29
N SER A 635 -25.44 -7.42 23.67
CA SER A 635 -26.55 -7.17 22.73
C SER A 635 -26.17 -7.25 21.25
N GLN A 636 -25.30 -6.35 20.81
CA GLN A 636 -25.06 -6.11 19.38
C GLN A 636 -23.92 -6.93 18.76
N LEU A 637 -22.83 -7.11 19.49
CA LEU A 637 -21.57 -7.67 18.95
C LEU A 637 -21.74 -9.12 18.43
N PRO A 638 -21.10 -9.45 17.28
CA PRO A 638 -21.10 -10.84 16.80
C PRO A 638 -20.08 -11.69 17.56
N GLU A 639 -20.40 -12.97 17.75
CA GLU A 639 -19.58 -13.89 18.56
C GLU A 639 -18.13 -14.03 18.11
N SER A 640 -17.88 -13.91 16.80
CA SER A 640 -16.51 -13.94 16.27
C SER A 640 -16.36 -13.14 14.96
N PHE A 641 -15.11 -12.81 14.66
CA PHE A 641 -14.78 -12.04 13.46
C PHE A 641 -13.32 -12.25 13.05
N ARG A 642 -13.05 -12.14 11.75
CA ARG A 642 -11.67 -12.22 11.26
C ARG A 642 -10.92 -10.92 11.55
N VAL A 643 -9.68 -11.05 11.98
CA VAL A 643 -8.84 -9.92 12.34
C VAL A 643 -8.43 -9.27 11.02
N PRO A 644 -8.85 -8.00 10.75
CA PRO A 644 -8.58 -7.42 9.42
C PRO A 644 -7.12 -7.47 8.95
N TYR A 645 -6.18 -7.15 9.83
CA TYR A 645 -4.74 -7.22 9.48
C TYR A 645 -4.19 -8.65 9.36
N ASP A 646 -4.94 -9.65 9.84
CA ASP A 646 -4.53 -11.05 9.80
C ASP A 646 -5.79 -11.95 9.71
N PRO A 647 -6.37 -12.09 8.50
CA PRO A 647 -7.62 -12.86 8.34
C PRO A 647 -7.55 -14.36 8.65
N GLY A 648 -6.35 -14.94 8.75
CA GLY A 648 -6.19 -16.27 9.31
C GLY A 648 -6.72 -16.37 10.74
N LEU A 649 -6.44 -15.36 11.56
CA LEU A 649 -6.94 -15.28 12.94
C LEU A 649 -8.44 -15.04 12.97
N LYS A 650 -9.14 -15.87 13.74
CA LYS A 650 -10.56 -15.69 14.03
C LYS A 650 -10.65 -15.29 15.50
N ALA A 651 -10.88 -13.99 15.74
CA ALA A 651 -11.00 -13.46 17.09
C ALA A 651 -12.45 -13.55 17.54
N GLY A 652 -12.67 -14.10 18.73
CA GLY A 652 -13.99 -14.39 19.26
C GLY A 652 -14.43 -13.40 20.32
N ALA A 653 -14.65 -13.90 21.54
CA ALA A 653 -15.12 -13.09 22.65
C ALA A 653 -14.02 -12.17 23.17
N LEU A 654 -14.44 -11.20 23.97
CA LEU A 654 -13.61 -10.05 24.35
C LEU A 654 -13.27 -10.11 25.83
N ALA A 655 -11.97 -10.14 26.14
CA ALA A 655 -11.50 -10.16 27.54
C ALA A 655 -11.57 -8.77 28.18
N ILE A 656 -12.69 -8.51 28.87
CA ILE A 656 -13.01 -7.15 29.38
C ILE A 656 -12.04 -6.69 30.48
N GLU A 657 -11.44 -7.65 31.20
CA GLU A 657 -10.48 -7.34 32.28
C GLU A 657 -9.24 -6.64 31.73
N LYS A 658 -8.66 -7.22 30.68
CA LYS A 658 -7.39 -6.75 30.09
C LYS A 658 -7.51 -5.51 29.18
N CYS A 659 -8.74 -5.14 28.80
CA CYS A 659 -8.98 -3.94 27.99
C CYS A 659 -8.75 -2.64 28.77
N LYS A 660 -8.29 -1.60 28.07
CA LYS A 660 -8.06 -0.28 28.68
C LYS A 660 -7.88 0.83 27.63
N VAL A 661 -7.92 2.08 28.11
CA VAL A 661 -7.53 3.25 27.32
C VAL A 661 -6.06 3.52 27.63
N MET A 662 -5.32 3.91 26.59
CA MET A 662 -3.85 3.99 26.66
C MET A 662 -3.39 5.41 26.94
N ALA A 663 -2.36 5.55 27.77
CA ALA A 663 -1.84 6.85 28.19
C ALA A 663 -1.13 7.59 27.04
N SER A 664 -1.95 8.21 26.19
CA SER A 664 -1.49 9.01 25.06
C SER A 664 -2.45 10.21 24.91
N LYS A 665 -2.02 11.22 24.14
CA LYS A 665 -2.89 12.38 23.84
C LYS A 665 -4.06 12.02 22.91
N LYS A 666 -3.84 11.03 22.04
CA LYS A 666 -4.88 10.54 21.10
C LYS A 666 -5.71 9.34 21.63
N LYS A 667 -5.46 8.93 22.87
CA LYS A 667 -6.26 7.92 23.59
C LYS A 667 -6.74 6.72 22.74
N PRO A 668 -5.78 5.92 22.21
CA PRO A 668 -6.18 4.68 21.55
C PRO A 668 -6.65 3.63 22.55
N LEU A 669 -7.29 2.59 22.05
CA LEU A 669 -7.87 1.52 22.85
C LEU A 669 -6.95 0.30 22.81
N TRP A 670 -6.46 -0.11 23.98
CA TRP A 670 -5.78 -1.39 24.13
C TRP A 670 -6.89 -2.41 24.28
N LEU A 671 -7.10 -3.24 23.26
CA LEU A 671 -8.12 -4.28 23.30
C LEU A 671 -7.48 -5.66 23.29
N GLU A 672 -8.24 -6.63 23.78
CA GLU A 672 -7.72 -7.98 23.98
C GLU A 672 -8.85 -9.00 23.89
N PHE A 673 -8.78 -9.84 22.85
CA PHE A 673 -9.82 -10.81 22.52
C PHE A 673 -9.36 -12.22 22.86
N LYS A 674 -10.30 -13.06 23.30
CA LYS A 674 -10.10 -14.51 23.35
C LYS A 674 -10.19 -15.06 21.95
N CYS A 675 -9.40 -16.10 21.64
CA CYS A 675 -9.41 -16.72 20.32
C CYS A 675 -10.65 -17.58 20.14
N ALA A 676 -11.21 -17.54 18.93
CA ALA A 676 -12.42 -18.28 18.58
C ALA A 676 -12.16 -19.76 18.26
N ASP A 677 -10.92 -20.09 17.89
CA ASP A 677 -10.58 -21.42 17.41
C ASP A 677 -10.26 -22.35 18.59
N PRO A 678 -10.99 -23.46 18.75
CA PRO A 678 -10.71 -24.38 19.86
C PRO A 678 -9.42 -25.20 19.68
N THR A 679 -9.03 -25.45 18.43
CA THR A 679 -7.76 -26.13 18.13
C THR A 679 -6.52 -25.31 18.49
N ALA A 680 -6.69 -24.00 18.70
CA ALA A 680 -5.62 -23.11 19.16
C ALA A 680 -4.92 -23.68 20.40
N LEU A 681 -3.61 -23.92 20.27
CA LEU A 681 -2.81 -24.49 21.35
C LEU A 681 -2.52 -23.44 22.44
N SER A 682 -2.16 -22.24 22.01
CA SER A 682 -1.84 -21.14 22.94
C SER A 682 -3.09 -20.55 23.57
N ASN A 683 -3.01 -20.24 24.87
CA ASN A 683 -4.08 -19.54 25.58
C ASN A 683 -3.96 -18.00 25.53
N GLU A 684 -2.82 -17.49 25.05
CA GLU A 684 -2.58 -16.04 24.94
C GLU A 684 -3.64 -15.35 24.09
N THR A 685 -4.19 -14.26 24.61
CA THR A 685 -5.24 -13.48 23.96
C THR A 685 -4.73 -12.73 22.73
N ILE A 686 -5.65 -12.42 21.82
CA ILE A 686 -5.35 -11.62 20.63
C ILE A 686 -5.36 -10.16 21.03
N GLY A 687 -4.17 -9.56 21.16
CA GLY A 687 -4.07 -8.14 21.45
C GLY A 687 -4.26 -7.31 20.19
N ILE A 688 -5.15 -6.32 20.24
CA ILE A 688 -5.37 -5.36 19.16
C ILE A 688 -5.45 -3.96 19.73
N ILE A 689 -4.70 -3.02 19.15
CA ILE A 689 -4.87 -1.59 19.41
C ILE A 689 -5.90 -1.08 18.41
N PHE A 690 -6.76 -0.17 18.86
CA PHE A 690 -7.73 0.49 17.98
C PHE A 690 -7.64 1.99 18.21
N LYS A 691 -7.05 2.71 17.26
CA LYS A 691 -6.80 4.15 17.38
C LYS A 691 -7.78 4.94 16.53
N HIS A 692 -8.00 6.19 16.94
CA HIS A 692 -8.80 7.15 16.21
C HIS A 692 -8.12 8.52 16.24
N GLY A 693 -8.41 9.36 15.25
CA GLY A 693 -7.91 10.73 15.19
C GLY A 693 -6.81 10.93 14.16
N ASP A 694 -5.81 10.05 14.18
CA ASP A 694 -4.73 10.06 13.19
C ASP A 694 -5.22 9.60 11.81
N ASP A 695 -4.55 10.09 10.76
CA ASP A 695 -4.80 9.65 9.38
C ASP A 695 -3.77 8.58 9.02
N LEU A 696 -4.23 7.33 8.97
CA LEU A 696 -3.35 6.17 8.87
C LEU A 696 -2.89 5.85 7.44
N ARG A 697 -3.54 6.46 6.45
CA ARG A 697 -3.19 6.25 5.03
C ARG A 697 -1.69 6.40 4.74
N GLN A 698 -1.09 7.46 5.28
CA GLN A 698 0.33 7.78 5.07
C GLN A 698 1.26 6.72 5.64
N ASP A 699 0.95 6.30 6.86
CA ASP A 699 1.80 5.36 7.61
C ASP A 699 1.65 3.95 7.05
N MET A 700 0.41 3.60 6.71
CA MET A 700 0.09 2.31 6.07
C MET A 700 0.93 2.07 4.81
N LEU A 701 1.12 3.13 4.01
CA LEU A 701 2.00 3.10 2.84
C LEU A 701 3.48 2.85 3.18
N ILE A 702 3.96 3.51 4.23
CA ILE A 702 5.35 3.36 4.68
C ILE A 702 5.61 1.93 5.17
N LEU A 703 4.65 1.37 5.91
CA LEU A 703 4.71 -0.03 6.36
C LEU A 703 4.78 -1.03 5.20
N GLN A 704 4.06 -0.74 4.12
CA GLN A 704 4.08 -1.61 2.94
C GLN A 704 5.44 -1.56 2.22
N ILE A 705 6.07 -0.39 2.20
CA ILE A 705 7.45 -0.27 1.69
C ILE A 705 8.41 -1.06 2.58
N LEU A 706 8.23 -1.01 3.90
CA LEU A 706 9.03 -1.82 4.83
C LEU A 706 8.87 -3.32 4.58
N ARG A 707 7.64 -3.76 4.33
CA ARG A 707 7.36 -5.15 3.94
C ARG A 707 8.03 -5.54 2.61
N ILE A 708 8.14 -4.58 1.70
CA ILE A 708 8.83 -4.78 0.41
C ILE A 708 10.35 -4.91 0.57
N MET A 709 10.95 -4.09 1.45
CA MET A 709 12.38 -4.19 1.77
C MET A 709 12.77 -5.55 2.38
N GLU A 710 11.88 -6.15 3.15
CA GLU A 710 12.09 -7.49 3.69
C GLU A 710 12.24 -8.51 2.56
N SER A 711 11.30 -8.49 1.61
CA SER A 711 11.31 -9.40 0.47
C SER A 711 12.50 -9.18 -0.47
N ILE A 712 13.02 -7.95 -0.54
CA ILE A 712 14.29 -7.68 -1.23
C ILE A 712 15.46 -8.33 -0.48
N TRP A 713 15.47 -8.14 0.84
CA TRP A 713 16.51 -8.72 1.69
C TRP A 713 16.44 -10.26 1.76
N GLU A 714 15.23 -10.82 1.66
CA GLU A 714 15.05 -12.28 1.57
C GLU A 714 15.75 -12.86 0.35
N THR A 715 15.54 -12.23 -0.80
CA THR A 715 16.12 -12.69 -2.07
C THR A 715 17.67 -12.66 -2.09
N GLU A 716 18.27 -11.84 -1.22
CA GLU A 716 19.72 -11.87 -0.97
C GLU A 716 20.06 -12.46 0.42
N SER A 717 19.26 -13.44 0.85
CA SER A 717 19.47 -14.21 2.09
C SER A 717 19.90 -13.43 3.37
N LEU A 718 19.27 -12.27 3.58
CA LEU A 718 19.47 -11.45 4.77
C LEU A 718 18.15 -11.38 5.54
N ASP A 719 18.19 -11.69 6.84
CA ASP A 719 17.00 -11.71 7.70
C ASP A 719 17.11 -10.59 8.74
N LEU A 720 16.87 -9.36 8.32
CA LEU A 720 17.05 -8.19 9.19
C LEU A 720 15.96 -7.98 10.27
N CYS A 721 14.95 -8.85 10.30
CA CYS A 721 14.02 -8.94 11.42
C CYS A 721 13.27 -7.63 11.70
N LEU A 722 12.84 -6.96 10.63
CA LEU A 722 11.94 -5.82 10.76
C LEU A 722 10.59 -6.33 11.26
N LEU A 723 9.82 -5.43 11.86
CA LEU A 723 8.47 -5.73 12.30
C LEU A 723 7.49 -4.83 11.56
N PRO A 724 6.79 -5.41 10.57
CA PRO A 724 5.58 -4.83 10.04
C PRO A 724 4.38 -5.56 10.65
N TYR A 725 4.27 -5.45 11.98
CA TYR A 725 3.05 -5.79 12.74
C TYR A 725 1.80 -5.46 11.93
N GLY A 726 0.79 -6.30 12.04
CA GLY A 726 -0.44 -6.08 11.32
C GLY A 726 -0.95 -4.68 11.60
N CYS A 727 -1.28 -3.96 10.53
CA CYS A 727 -1.75 -2.59 10.66
C CYS A 727 -2.61 -2.24 9.44
N ILE A 728 -3.93 -2.24 9.64
CA ILE A 728 -4.91 -1.99 8.59
C ILE A 728 -5.66 -0.72 8.98
N SER A 729 -5.87 0.16 8.01
CA SER A 729 -6.83 1.25 8.13
C SER A 729 -8.21 0.68 7.85
N THR A 730 -9.11 0.81 8.82
CA THR A 730 -10.44 0.19 8.78
C THR A 730 -11.56 1.16 8.40
N GLY A 731 -11.23 2.43 8.16
CA GLY A 731 -12.24 3.45 7.85
C GLY A 731 -11.69 4.86 7.93
N ASP A 732 -12.56 5.82 8.21
CA ASP A 732 -12.19 7.23 8.27
C ASP A 732 -11.39 7.53 9.54
N LYS A 733 -10.07 7.69 9.37
CA LYS A 733 -9.14 8.03 10.47
C LYS A 733 -9.15 7.00 11.62
N ILE A 734 -9.45 5.74 11.32
CA ILE A 734 -9.51 4.66 12.32
C ILE A 734 -8.95 3.36 11.76
N GLY A 735 -8.25 2.61 12.61
CA GLY A 735 -7.63 1.36 12.19
C GLY A 735 -7.20 0.45 13.31
N MET A 736 -7.02 -0.82 12.97
CA MET A 736 -6.66 -1.86 13.92
C MET A 736 -5.19 -2.19 13.74
N ILE A 737 -4.48 -2.24 14.86
CA ILE A 737 -3.04 -2.48 14.89
C ILE A 737 -2.80 -3.69 15.78
N GLU A 738 -1.85 -4.53 15.39
CA GLU A 738 -1.51 -5.74 16.13
C GLU A 738 -0.71 -5.37 17.36
N ILE A 739 -1.08 -5.91 18.52
CA ILE A 739 -0.30 -5.75 19.75
C ILE A 739 0.76 -6.84 19.79
N VAL A 740 2.01 -6.43 19.62
CA VAL A 740 3.15 -7.32 19.74
C VAL A 740 3.32 -7.59 21.22
N LYS A 741 3.02 -8.82 21.63
CA LYS A 741 3.25 -9.28 23.00
C LYS A 741 4.74 -9.24 23.35
N ASP A 742 5.02 -9.07 24.65
CA ASP A 742 6.38 -9.00 25.19
C ASP A 742 7.18 -7.77 24.71
N ALA A 743 6.50 -6.65 24.47
CA ALA A 743 7.14 -5.44 23.88
C ALA A 743 6.89 -4.17 24.70
N THR A 744 7.93 -3.33 24.78
CA THR A 744 7.84 -2.01 25.43
C THR A 744 8.72 -0.97 24.72
N THR A 745 8.49 0.31 25.02
CA THR A 745 9.27 1.40 24.43
C THR A 745 10.63 1.53 25.09
N ILE A 746 11.48 2.37 24.51
CA ILE A 746 12.76 2.76 25.12
C ILE A 746 12.51 3.75 26.28
N ALA A 747 11.55 4.66 26.10
CA ALA A 747 11.25 5.71 27.10
C ALA A 747 10.80 5.17 28.45
N LYS A 748 9.99 4.11 28.46
CA LYS A 748 9.59 3.44 29.71
C LYS A 748 10.79 2.73 30.35
N ILE A 749 11.63 2.10 29.53
CA ILE A 749 12.88 1.48 30.00
C ILE A 749 13.81 2.52 30.62
N GLN A 750 13.89 3.70 29.99
CA GLN A 750 14.70 4.82 30.52
C GLN A 750 14.04 5.41 31.78
N GLN A 751 12.84 5.98 31.61
CA GLN A 751 12.12 6.61 32.72
C GLN A 751 11.47 5.54 33.61
N SER A 752 12.22 5.11 34.62
CA SER A 752 11.74 4.11 35.59
C SER A 752 12.59 4.11 36.85
N GLY A 758 12.67 12.43 33.48
CA GLY A 758 12.99 12.22 32.07
C GLY A 758 14.45 12.46 31.72
N ALA A 759 15.35 11.88 32.52
CA ALA A 759 16.80 11.99 32.30
C ALA A 759 17.28 11.01 31.22
N PHE A 760 18.56 11.10 30.87
CA PHE A 760 19.20 10.20 29.88
C PHE A 760 20.36 9.42 30.51
N LYS A 761 20.41 8.12 30.24
CA LYS A 761 21.42 7.19 30.78
C LYS A 761 21.91 6.26 29.67
N ASP A 762 23.10 5.68 29.85
CA ASP A 762 23.74 4.84 28.81
C ASP A 762 23.52 3.33 28.99
N GLU A 763 23.82 2.81 30.18
CA GLU A 763 23.88 1.36 30.41
C GLU A 763 22.54 0.63 30.61
N VAL A 764 21.41 1.34 30.53
CA VAL A 764 20.11 0.82 30.97
C VAL A 764 19.52 -0.24 30.02
N LEU A 765 19.64 0.01 28.71
CA LEU A 765 19.13 -0.92 27.68
C LEU A 765 19.78 -2.30 27.75
N ASN A 766 21.06 -2.34 28.13
CA ASN A 766 21.77 -3.60 28.30
C ASN A 766 21.23 -4.41 29.49
N HIS A 767 20.95 -3.72 30.60
CA HIS A 767 20.37 -4.34 31.80
C HIS A 767 18.94 -4.83 31.61
N TRP A 768 18.16 -4.13 30.76
CA TRP A 768 16.77 -4.53 30.47
C TRP A 768 16.69 -5.88 29.75
N LEU A 769 17.62 -6.14 28.84
CA LEU A 769 17.71 -7.43 28.16
C LEU A 769 18.28 -8.52 29.07
N LYS A 770 19.31 -8.18 29.84
CA LYS A 770 19.93 -9.10 30.80
C LYS A 770 18.92 -9.72 31.80
N GLU A 771 18.05 -8.89 32.35
CA GLU A 771 17.06 -9.32 33.34
C GLU A 771 15.89 -10.07 32.68
N LYS A 772 15.36 -9.51 31.61
CA LYS A 772 14.23 -10.10 30.86
C LYS A 772 14.60 -11.40 30.12
N SER A 773 15.89 -11.63 29.88
CA SER A 773 16.39 -12.93 29.43
C SER A 773 16.79 -13.76 30.66
N PRO A 774 16.27 -15.01 30.78
CA PRO A 774 16.62 -15.79 31.97
C PRO A 774 18.05 -16.37 31.88
N THR A 775 18.28 -17.23 30.89
CA THR A 775 19.60 -17.79 30.64
C THR A 775 20.47 -16.77 29.89
N GLU A 776 21.76 -16.72 30.23
CA GLU A 776 22.70 -15.78 29.61
C GLU A 776 22.93 -16.11 28.13
N GLU A 777 22.87 -17.39 27.78
CA GLU A 777 22.93 -17.82 26.37
C GLU A 777 21.81 -17.22 25.49
N LYS A 778 20.61 -17.11 26.05
CA LYS A 778 19.49 -16.45 25.35
C LYS A 778 19.74 -14.96 25.11
N PHE A 779 20.25 -14.28 26.14
CA PHE A 779 20.59 -12.85 26.06
C PHE A 779 21.41 -12.49 24.81
N GLN A 780 22.39 -13.32 24.46
CA GLN A 780 23.21 -13.08 23.25
C GLN A 780 22.41 -13.21 21.94
N ALA A 781 21.45 -14.14 21.89
CA ALA A 781 20.54 -14.25 20.74
C ALA A 781 19.64 -13.02 20.60
N ALA A 782 19.24 -12.45 21.73
CA ALA A 782 18.50 -11.18 21.77
C ALA A 782 19.38 -10.02 21.30
N VAL A 783 20.64 -10.00 21.73
CA VAL A 783 21.62 -9.02 21.24
C VAL A 783 21.83 -9.19 19.73
N GLU A 784 21.87 -10.44 19.25
CA GLU A 784 21.92 -10.71 17.80
C GLU A 784 20.68 -10.17 17.09
N ARG A 785 19.50 -10.40 17.67
CA ARG A 785 18.25 -9.86 17.13
C ARG A 785 18.23 -8.32 17.11
N PHE A 786 18.80 -7.71 18.16
CA PHE A 786 18.90 -6.25 18.25
C PHE A 786 19.78 -5.66 17.15
N VAL A 787 20.96 -6.23 16.97
CA VAL A 787 21.95 -5.75 15.98
C VAL A 787 21.40 -5.82 14.54
N TYR A 788 20.68 -6.89 14.22
CA TYR A 788 20.01 -7.03 12.91
C TYR A 788 18.87 -6.01 12.75
N SER A 789 17.97 -5.97 13.74
CA SER A 789 16.81 -5.08 13.70
C SER A 789 17.21 -3.61 13.64
N CYS A 790 18.12 -3.23 14.53
CA CYS A 790 18.65 -1.87 14.57
C CYS A 790 19.30 -1.46 13.25
N ALA A 791 20.06 -2.38 12.65
CA ALA A 791 20.67 -2.16 11.35
C ALA A 791 19.60 -1.94 10.28
N GLY A 792 18.61 -2.83 10.27
CA GLY A 792 17.47 -2.74 9.35
C GLY A 792 16.67 -1.46 9.49
N TYR A 793 16.35 -1.10 10.73
CA TYR A 793 15.61 0.14 11.00
C TYR A 793 16.44 1.41 10.77
N CYS A 794 17.76 1.32 10.88
CA CYS A 794 18.66 2.44 10.54
C CYS A 794 18.71 2.70 9.03
N VAL A 795 18.94 1.64 8.26
CA VAL A 795 19.02 1.71 6.79
C VAL A 795 17.72 2.22 6.20
N ALA A 796 16.63 1.55 6.53
CA ALA A 796 15.30 1.85 5.97
C ALA A 796 14.81 3.26 6.27
N THR A 797 15.03 3.75 7.49
CA THR A 797 14.62 5.10 7.87
C THR A 797 15.48 6.19 7.20
N PHE A 798 16.77 5.92 7.02
CA PHE A 798 17.63 6.83 6.25
C PHE A 798 17.17 6.96 4.79
N VAL A 799 16.80 5.84 4.19
CA VAL A 799 16.36 5.80 2.79
C VAL A 799 15.05 6.60 2.61
N LEU A 800 14.09 6.37 3.50
CA LEU A 800 12.80 7.07 3.47
C LEU A 800 12.82 8.48 4.07
N GLY A 801 13.90 8.86 4.75
CA GLY A 801 14.05 10.21 5.30
C GLY A 801 13.20 10.45 6.52
N ILE A 802 13.12 9.44 7.38
CA ILE A 802 12.33 9.48 8.62
C ILE A 802 13.13 8.87 9.78
N GLY A 803 14.42 9.23 9.86
CA GLY A 803 15.32 8.68 10.86
C GLY A 803 15.40 9.49 12.15
N ASP A 804 15.36 10.82 12.03
CA ASP A 804 15.37 11.72 13.18
C ASP A 804 14.06 11.54 13.98
N ARG A 805 14.16 10.83 15.10
CA ARG A 805 12.97 10.37 15.86
C ARG A 805 13.22 10.37 17.37
N HIS A 806 12.16 10.67 18.14
CA HIS A 806 12.19 10.59 19.61
C HIS A 806 12.06 9.14 20.08
N ASN A 807 12.68 8.83 21.22
CA ASN A 807 12.70 7.46 21.79
C ASN A 807 11.35 6.78 21.98
N ASP A 808 10.37 7.54 22.48
CA ASP A 808 9.02 7.02 22.78
C ASP A 808 8.36 6.25 21.62
N ASN A 809 8.62 6.69 20.39
CA ASN A 809 8.09 6.05 19.18
C ASN A 809 8.91 4.85 18.66
N ILE A 810 9.91 4.40 19.43
CA ILE A 810 10.73 3.23 19.09
C ILE A 810 10.57 2.21 20.21
N MET A 811 10.27 0.96 19.83
CA MET A 811 9.97 -0.11 20.78
C MET A 811 10.93 -1.27 20.60
N ILE A 812 10.90 -2.18 21.58
CA ILE A 812 11.79 -3.35 21.62
C ILE A 812 11.08 -4.52 22.32
N THR A 813 11.17 -5.71 21.72
CA THR A 813 10.61 -6.93 22.31
C THR A 813 11.53 -7.43 23.42
N GLU A 814 11.01 -8.33 24.26
CA GLU A 814 11.86 -9.04 25.24
C GLU A 814 12.88 -9.96 24.55
N THR A 815 12.53 -10.44 23.35
CA THR A 815 13.46 -11.23 22.52
C THR A 815 14.49 -10.39 21.72
N GLY A 816 14.60 -9.09 22.01
CA GLY A 816 15.64 -8.23 21.41
C GLY A 816 15.28 -7.52 20.11
N ASN A 817 14.07 -7.74 19.60
CA ASN A 817 13.66 -7.19 18.31
C ASN A 817 13.23 -5.73 18.45
N LEU A 818 14.02 -4.81 17.90
CA LEU A 818 13.66 -3.39 17.82
C LEU A 818 12.61 -3.14 16.74
N PHE A 819 11.73 -2.16 16.96
CA PHE A 819 10.77 -1.72 15.94
C PHE A 819 10.13 -0.35 16.22
N HIS A 820 9.66 0.31 15.17
CA HIS A 820 9.12 1.67 15.21
C HIS A 820 7.58 1.64 15.19
N ILE A 821 6.94 2.59 15.88
CA ILE A 821 5.48 2.66 15.96
C ILE A 821 4.85 4.02 15.59
N ASP A 822 5.63 4.94 15.03
CA ASP A 822 5.12 6.26 14.63
C ASP A 822 6.06 6.90 13.63
N PHE A 823 5.50 7.43 12.54
CA PHE A 823 6.27 7.97 11.41
C PHE A 823 5.90 9.43 11.13
N GLY A 824 6.90 10.25 10.83
CA GLY A 824 6.72 11.69 10.66
C GLY A 824 6.13 12.05 9.31
N GLU A 839 20.11 20.61 15.31
CA GLU A 839 21.02 19.57 14.88
C GLU A 839 20.27 18.31 14.45
N ARG A 840 20.31 18.00 13.16
CA ARG A 840 19.57 16.86 12.59
C ARG A 840 20.45 15.60 12.54
N VAL A 841 19.87 14.47 12.91
CA VAL A 841 20.53 13.15 12.87
C VAL A 841 19.93 12.35 11.69
N PRO A 842 20.76 11.57 10.96
CA PRO A 842 20.21 10.75 9.87
C PRO A 842 19.33 9.58 10.32
N PHE A 843 19.64 9.00 11.47
CA PHE A 843 18.85 7.93 12.08
C PHE A 843 19.22 7.76 13.56
N VAL A 844 18.40 7.02 14.30
CA VAL A 844 18.65 6.79 15.72
C VAL A 844 19.67 5.67 15.90
N LEU A 845 20.89 6.06 16.25
CA LEU A 845 21.91 5.12 16.74
C LEU A 845 22.56 5.79 17.93
N THR A 846 21.78 5.91 19.00
CA THR A 846 22.18 6.61 20.21
C THR A 846 23.13 5.75 21.05
N PRO A 847 23.84 6.37 22.04
CA PRO A 847 24.77 5.66 22.93
C PRO A 847 24.22 4.38 23.60
N ASP A 848 22.97 4.38 24.04
CA ASP A 848 22.37 3.20 24.70
C ASP A 848 22.27 1.99 23.76
N PHE A 849 22.02 2.23 22.48
CA PHE A 849 22.01 1.19 21.45
C PHE A 849 23.42 0.61 21.30
N LEU A 850 24.40 1.51 21.21
CA LEU A 850 25.81 1.14 21.07
C LEU A 850 26.42 0.45 22.29
N PHE A 851 25.90 0.75 23.49
CA PHE A 851 26.36 0.10 24.73
C PHE A 851 26.04 -1.41 24.77
N VAL A 852 24.97 -1.81 24.10
CA VAL A 852 24.69 -3.22 23.85
C VAL A 852 25.70 -3.77 22.84
N MET A 853 25.95 -2.99 21.79
CA MET A 853 26.90 -3.37 20.72
C MET A 853 28.38 -3.40 21.14
N GLY A 854 28.73 -2.83 22.29
CA GLY A 854 30.08 -2.95 22.87
C GLY A 854 30.91 -1.68 22.83
N THR A 855 30.88 -0.98 21.70
CA THR A 855 31.60 0.29 21.53
C THR A 855 31.06 1.41 22.42
N SER A 856 31.90 2.42 22.67
CA SER A 856 31.51 3.61 23.45
C SER A 856 32.45 4.79 23.20
N GLY A 857 31.90 5.90 22.71
CA GLY A 857 32.66 7.13 22.51
C GLY A 857 33.56 7.09 21.28
N LYS A 858 34.83 6.72 21.49
CA LYS A 858 35.83 6.66 20.42
C LYS A 858 36.56 5.30 20.43
N LYS A 859 35.77 4.22 20.52
CA LYS A 859 36.29 2.85 20.52
C LYS A 859 35.60 2.04 19.41
N THR A 860 35.96 0.75 19.28
CA THR A 860 35.37 -0.17 18.30
C THR A 860 35.15 -1.54 18.94
N SER A 861 34.15 -2.30 18.46
CA SER A 861 33.81 -3.62 19.00
C SER A 861 33.36 -4.62 17.92
N PRO A 862 33.40 -5.96 18.22
CA PRO A 862 33.03 -6.99 17.24
C PRO A 862 31.58 -6.95 16.74
N HIS A 863 30.63 -6.78 17.67
CA HIS A 863 29.21 -6.63 17.32
C HIS A 863 28.96 -5.36 16.48
N PHE A 864 29.66 -4.27 16.81
CA PHE A 864 29.57 -3.01 16.04
C PHE A 864 30.10 -3.16 14.61
N GLN A 865 31.14 -3.97 14.42
CA GLN A 865 31.63 -4.29 13.08
C GLN A 865 30.65 -5.19 12.33
N LYS A 866 30.01 -6.11 13.05
CA LYS A 866 28.95 -6.95 12.48
C LYS A 866 27.73 -6.10 12.10
N PHE A 867 27.39 -5.15 12.97
CA PHE A 867 26.35 -4.14 12.69
C PHE A 867 26.66 -3.37 11.41
N GLN A 868 27.91 -2.92 11.27
CA GLN A 868 28.39 -2.25 10.05
C GLN A 868 28.27 -3.14 8.81
N ASP A 869 28.65 -4.42 8.94
CA ASP A 869 28.56 -5.38 7.83
C ASP A 869 27.11 -5.61 7.35
N ILE A 870 26.17 -5.67 8.29
CA ILE A 870 24.75 -5.86 7.95
C ILE A 870 24.16 -4.61 7.32
N CYS A 871 24.46 -3.43 7.90
CA CYS A 871 23.98 -2.15 7.37
C CYS A 871 24.40 -1.89 5.92
N VAL A 872 25.67 -2.17 5.61
CA VAL A 872 26.22 -1.97 4.25
C VAL A 872 25.64 -3.00 3.27
N LYS A 873 25.57 -4.26 3.71
CA LYS A 873 24.90 -5.32 2.93
C LYS A 873 23.41 -5.02 2.75
N ALA A 874 22.78 -4.43 3.76
CA ALA A 874 21.38 -3.99 3.67
C ALA A 874 21.22 -2.79 2.73
N TYR A 875 22.08 -1.79 2.88
CA TYR A 875 22.03 -0.56 2.08
C TYR A 875 22.28 -0.84 0.60
N LEU A 876 23.36 -1.57 0.31
CA LEU A 876 23.70 -1.96 -1.06
C LEU A 876 22.64 -2.86 -1.70
N ALA A 877 22.06 -3.78 -0.92
CA ALA A 877 20.96 -4.64 -1.40
C ALA A 877 19.78 -3.82 -1.91
N LEU A 878 19.36 -2.84 -1.12
CA LEU A 878 18.30 -1.91 -1.53
C LEU A 878 18.69 -1.11 -2.78
N ARG A 879 19.95 -0.70 -2.88
CA ARG A 879 20.45 0.04 -4.06
C ARG A 879 20.38 -0.75 -5.38
N HIS A 880 20.36 -2.08 -5.31
CA HIS A 880 20.15 -2.93 -6.49
C HIS A 880 18.70 -2.87 -7.01
N HIS A 881 17.77 -2.38 -6.19
CA HIS A 881 16.41 -2.06 -6.64
C HIS A 881 16.11 -0.57 -6.42
N THR A 882 17.07 0.27 -6.81
CA THR A 882 16.92 1.73 -6.70
C THR A 882 15.65 2.24 -7.39
N ASN A 883 15.42 1.80 -8.63
CA ASN A 883 14.25 2.23 -9.41
C ASN A 883 12.91 1.87 -8.79
N LEU A 884 12.79 0.65 -8.26
CA LEU A 884 11.56 0.20 -7.58
C LEU A 884 11.29 1.06 -6.34
N LEU A 885 12.33 1.33 -5.56
CA LEU A 885 12.18 2.13 -4.34
C LEU A 885 11.82 3.58 -4.66
N ILE A 886 12.50 4.17 -5.64
CA ILE A 886 12.24 5.54 -6.10
C ILE A 886 10.79 5.75 -6.53
N ILE A 887 10.25 4.81 -7.31
CA ILE A 887 8.91 4.97 -7.88
C ILE A 887 7.81 4.73 -6.85
N LEU A 888 8.02 3.78 -5.94
CA LEU A 888 7.09 3.55 -4.83
C LEU A 888 7.11 4.71 -3.85
N PHE A 889 8.29 5.29 -3.64
CA PHE A 889 8.43 6.50 -2.81
C PHE A 889 7.69 7.66 -3.46
N SER A 890 7.96 7.89 -4.74
CA SER A 890 7.29 8.91 -5.54
C SER A 890 5.77 8.77 -5.52
N MET A 891 5.29 7.54 -5.67
CA MET A 891 3.86 7.22 -5.60
C MET A 891 3.28 7.43 -4.19
N MET A 892 4.04 7.07 -3.16
CA MET A 892 3.61 7.28 -1.76
C MET A 892 3.26 8.74 -1.49
N LEU A 893 4.12 9.65 -1.93
CA LEU A 893 3.94 11.07 -1.68
C LEU A 893 2.74 11.63 -2.45
N MET A 894 2.50 11.12 -3.66
CA MET A 894 1.37 11.56 -4.48
C MET A 894 0.00 11.04 -4.02
N THR A 895 -0.07 9.76 -3.66
CA THR A 895 -1.35 9.10 -3.37
C THR A 895 -1.79 9.15 -1.91
N GLY A 896 -0.84 9.28 -0.99
CA GLY A 896 -1.12 9.32 0.45
C GLY A 896 -0.57 10.56 1.12
N MET A 897 -1.26 11.68 0.94
CA MET A 897 -0.90 12.96 1.57
C MET A 897 -2.01 14.00 1.39
N PRO A 898 -2.19 14.89 2.39
CA PRO A 898 -2.99 16.10 2.13
C PRO A 898 -2.25 17.12 1.24
N THR A 901 2.69 17.84 -2.96
CA THR A 901 4.08 17.54 -2.62
C THR A 901 5.04 17.94 -3.74
N SER A 902 6.12 18.64 -3.38
CA SER A 902 7.09 19.15 -4.34
C SER A 902 8.07 18.09 -4.81
N LYS A 903 8.78 18.39 -5.89
CA LYS A 903 9.83 17.52 -6.42
C LYS A 903 11.00 17.37 -5.46
N GLU A 904 11.30 18.45 -4.71
CA GLU A 904 12.30 18.43 -3.64
C GLU A 904 12.07 17.30 -2.63
N ASP A 905 10.81 17.03 -2.32
CA ASP A 905 10.44 15.96 -1.39
C ASP A 905 10.75 14.59 -2.00
N ILE A 906 10.36 14.42 -3.26
CA ILE A 906 10.59 13.16 -3.99
C ILE A 906 12.08 12.94 -4.25
N GLU A 907 12.82 14.05 -4.43
CA GLU A 907 14.24 14.01 -4.77
C GLU A 907 15.19 13.54 -3.67
N TYR A 908 14.71 13.45 -2.43
CA TYR A 908 15.56 13.01 -1.30
C TYR A 908 16.11 11.58 -1.48
N ILE A 909 15.20 10.63 -1.71
CA ILE A 909 15.54 9.20 -1.81
C ILE A 909 16.63 8.90 -2.85
N ARG A 910 16.61 9.68 -3.93
CA ARG A 910 17.64 9.67 -4.98
C ARG A 910 19.03 9.98 -4.40
N ASP A 911 19.12 11.05 -3.62
CA ASP A 911 20.36 11.40 -2.91
C ASP A 911 20.69 10.37 -1.83
N ALA A 912 19.67 9.95 -1.08
CA ALA A 912 19.83 8.95 -0.01
C ALA A 912 20.32 7.58 -0.50
N LEU A 913 19.95 7.20 -1.72
CA LEU A 913 20.42 5.95 -2.34
C LEU A 913 21.74 6.09 -3.14
N THR A 914 22.33 7.29 -3.17
CA THR A 914 23.58 7.57 -3.90
C THR A 914 23.53 7.06 -5.34
N VAL A 915 22.60 7.62 -6.11
CA VAL A 915 22.38 7.23 -7.50
C VAL A 915 23.61 7.51 -8.36
N GLY A 916 23.90 6.58 -9.28
CA GLY A 916 25.02 6.70 -10.19
C GLY A 916 26.39 6.64 -9.55
N LYS A 917 26.50 5.87 -8.45
CA LYS A 917 27.76 5.72 -7.71
C LYS A 917 28.07 4.26 -7.42
N ASN A 918 29.36 3.92 -7.41
CA ASN A 918 29.82 2.56 -7.15
C ASN A 918 29.64 2.14 -5.70
N GLU A 919 29.76 0.84 -5.45
CA GLU A 919 29.44 0.25 -4.15
C GLU A 919 30.37 0.69 -3.02
N GLU A 920 31.68 0.72 -3.29
CA GLU A 920 32.67 1.20 -2.31
C GLU A 920 32.44 2.67 -1.92
N ASP A 921 32.07 3.51 -2.89
CA ASP A 921 31.71 4.91 -2.62
C ASP A 921 30.45 5.04 -1.74
N ALA A 922 29.46 4.17 -2.00
CA ALA A 922 28.22 4.14 -1.21
C ALA A 922 28.40 3.55 0.20
N LYS A 923 29.27 2.54 0.32
CA LYS A 923 29.65 2.00 1.64
C LYS A 923 30.28 3.07 2.53
N LYS A 924 31.16 3.88 1.95
CA LYS A 924 31.78 5.04 2.63
C LYS A 924 30.72 6.04 3.09
N TYR A 925 29.74 6.32 2.22
CA TYR A 925 28.67 7.27 2.52
C TYR A 925 27.85 6.88 3.74
N PHE A 926 27.41 5.63 3.79
CA PHE A 926 26.57 5.16 4.89
C PHE A 926 27.34 5.03 6.21
N LEU A 927 28.58 4.54 6.15
CA LEU A 927 29.43 4.42 7.34
C LEU A 927 29.75 5.78 7.99
N ASP A 928 29.78 6.85 7.18
CA ASP A 928 29.90 8.21 7.70
C ASP A 928 28.63 8.66 8.43
N GLN A 929 27.46 8.31 7.88
CA GLN A 929 26.18 8.59 8.54
C GLN A 929 26.08 7.91 9.92
N ILE A 930 26.68 6.73 10.05
CA ILE A 930 26.83 6.06 11.35
C ILE A 930 27.70 6.92 12.29
N GLU A 931 28.83 7.40 11.78
CA GLU A 931 29.73 8.29 12.54
C GLU A 931 29.12 9.65 12.90
N VAL A 932 28.18 10.16 12.08
CA VAL A 932 27.43 11.38 12.41
C VAL A 932 26.59 11.20 13.68
N CYS A 933 25.96 10.02 13.82
CA CYS A 933 25.21 9.66 15.02
C CYS A 933 26.13 9.51 16.24
N ARG A 934 27.31 8.94 16.02
CA ARG A 934 28.36 8.82 17.06
C ARG A 934 28.86 10.20 17.54
N ASP A 935 29.13 11.10 16.61
CA ASP A 935 29.61 12.45 16.93
C ASP A 935 28.59 13.27 17.74
N LYS A 936 27.32 13.18 17.35
CA LYS A 936 26.23 13.91 18.05
C LYS A 936 25.84 13.21 19.37
N GLY A 937 25.55 11.92 19.29
CA GLY A 937 25.18 11.12 20.47
C GLY A 937 23.79 11.48 20.99
N TRP A 938 23.75 12.01 22.22
CA TRP A 938 22.49 12.40 22.87
C TRP A 938 21.95 13.79 22.46
N THR A 939 22.74 14.57 21.73
CA THR A 939 22.42 15.98 21.40
C THR A 939 21.02 16.19 20.77
N VAL A 940 20.60 15.26 19.91
CA VAL A 940 19.31 15.37 19.22
C VAL A 940 18.13 14.86 20.06
N GLN A 941 18.33 13.77 20.79
CA GLN A 941 17.30 13.21 21.69
C GLN A 941 16.81 14.21 22.74
N PHE A 942 17.76 14.93 23.33
CA PHE A 942 17.47 15.97 24.32
C PHE A 942 16.53 17.07 23.81
N ASN A 943 16.68 17.46 22.55
CA ASN A 943 15.94 18.61 21.99
C ASN A 943 14.41 18.43 21.86
N TRP A 944 13.91 17.20 22.00
CA TRP A 944 12.47 16.95 22.15
C TRP A 944 11.92 17.70 23.36
N PHE A 945 12.56 17.50 24.52
CA PHE A 945 12.18 18.17 25.77
C PHE A 945 12.44 19.69 25.73
N LEU A 946 13.53 20.10 25.06
CA LEU A 946 13.95 21.50 25.03
C LEU A 946 13.02 22.41 24.25
N HIS A 947 12.65 21.99 23.04
CA HIS A 947 11.70 22.74 22.20
C HIS A 947 10.26 22.72 22.73
N LEU A 948 9.94 21.75 23.61
CA LEU A 948 8.61 21.64 24.25
C LEU A 948 8.19 22.88 25.03
N VAL A 949 9.16 23.58 25.63
CA VAL A 949 8.93 24.89 26.27
C VAL A 949 10.05 25.86 25.92
C1 V84 B . 2.25 4.84 12.55
C2 V84 B . 0.84 4.52 13.06
C4 V84 B . 0.08 3.64 12.07
C5 V84 B . -1.00 4.22 11.18
C6 V84 B . -1.39 3.41 12.41
C8 V84 B . 1.49 2.44 14.41
C11 V84 B . 1.57 0.71 17.84
C12 V84 B . 0.97 1.76 18.56
C15 V84 B . 0.79 3.09 16.54
C16 V84 B . 0.52 4.16 15.55
C18 V84 B . 1.97 -0.57 18.50
C19 V84 B . 2.14 -1.78 17.78
N22 V84 B . 2.94 -3.86 20.75
C23 V84 B . 2.94 -3.32 21.95
O29 V84 B . 2.71 -1.18 24.02
C31 V84 B . 2.10 1.50 23.42
C33 V84 B . 2.15 2.86 22.73
C34 V84 B . 3.01 3.36 23.90
C37 V84 B . 3.43 1.89 24.09
N7 V84 B . 0.92 3.78 14.32
C9 V84 B . 1.39 2.03 15.84
C10 V84 B . 1.76 0.88 16.46
C13 V84 B . 0.59 2.94 17.93
C14 V84 B . -0.04 4.03 18.75
O17 V84 B . 0.00 5.23 15.81
C20 V84 B . 2.49 -2.91 18.44
N21 V84 B . 2.62 -2.88 19.80
N24 V84 B . 3.23 -4.00 23.13
C25 V84 B . 2.63 -1.94 21.83
C26 V84 B . 2.43 -1.70 20.46
N27 V84 B . 2.11 -0.59 19.82
C28 V84 B . 2.51 -0.89 22.85
N30 V84 B . 2.21 0.38 22.48
O36 V84 B . 2.25 3.88 24.99
H6 V84 B . 2.39 4.39 11.57
H4 V84 B . 2.98 4.43 13.24
H5 V84 B . 2.38 5.92 12.48
H1 V84 B . 0.30 5.46 13.23
H7 V84 B . 0.70 3.14 11.32
H9 V84 B . -1.34 3.86 10.20
H8 V84 B . -1.34 5.26 11.12
H10 V84 B . -1.74 3.78 13.37
H11 V84 B . -1.74 2.38 12.46
H12 V84 B . 0.94 1.74 13.78
H13 V84 B . 2.54 2.43 14.09
H15 V84 B . 0.78 1.65 19.62
H19 V84 B . 2.02 -1.79 16.71
H2 V84 B . 1.17 1.47 23.99
H25 V84 B . 1.22 3.41 22.61
H24 V84 B . 2.64 2.93 21.75
H3 V84 B . 3.83 4.01 23.60
H27 V84 B . 4.31 1.61 23.50
H28 V84 B . 3.50 1.59 25.14
H14 V84 B . 2.21 0.09 15.87
H18 V84 B . -0.74 4.60 18.12
H16 V84 B . 0.73 4.70 19.12
H17 V84 B . -0.59 3.60 19.58
H20 V84 B . 2.63 -3.83 17.90
H22 V84 B . 3.43 -4.94 23.11
H21 V84 B . 3.21 -3.53 23.98
H23 V84 B . 2.04 0.59 21.54
H26 V84 B . 2.11 3.25 25.71
#